data_8H4H
#
_entry.id   8H4H
#
_cell.length_a   71.890
_cell.length_b   264.099
_cell.length_c   163.368
_cell.angle_alpha   90.000
_cell.angle_beta   90.000
_cell.angle_gamma   90.000
#
_symmetry.space_group_name_H-M   'C 2 2 21'
#
loop_
_entity.id
_entity.type
_entity.pdbx_description
1 polymer 'Rhodanese domain-containing protein'
2 water water
#
_entity_poly.entity_id   1
_entity_poly.type   'polypeptide(L)'
_entity_poly.pdbx_seq_one_letter_code
;MHHHHHHIPRNLLNAYAGPNALRDYFDPDCQPMIPLVEIPQSLNPFYEDGVRIHAKMMSMHPSNNV(LLP)IMPALNMLT
KEVQPEKSKTVIEYSSGSTVISLALVSRINHGINDVRAFLSNKTSAPKLRLMQFFGLDVTLFGGPSQPAPNDERGGIYRA
RMMAREDEAILNVDQYENDANWQSHVKWTGPQIHEQLPSIRLICAGMGTSGTMTGLGQYFKTAKPSVFRLGVCTAAGDRV
PGPRSLALLSPVEFPWRDSVDAIEEVGSKDAFTLSLKLCREGLICGPSSGFNLQGLFNYLGRLKAAGTLSSLAGPYGIID
CAFICCDLPYPYVDEYFDKLGDNAFHPIRNQNLAAVDLYRYDEAWELEPSSALSHFTSSTHGVEAVLLDLRKPEDFIMSH
IPGSYNLPLQSSNASTPSPFTDAMVLEKQWKELEATFTLDRINAHDLSGKDVYILCYNGDTARVATSVLRAKGISASSVK
GGIAAVRKDLPQMQMAERGRVLVQQDWIKTPEIVAKELRVDSLSPAARGPNEITV
;
_entity_poly.pdbx_strand_id   N,A
#
# COMPACT_ATOMS: atom_id res chain seq x y z
N ILE A 8 21.55 -6.66 -63.67
CA ILE A 8 20.28 -6.91 -64.35
C ILE A 8 19.69 -8.29 -64.01
N PRO A 9 20.46 -9.38 -64.12
CA PRO A 9 19.89 -10.69 -63.82
C PRO A 9 19.69 -10.87 -62.32
N ARG A 10 18.56 -11.45 -61.96
CA ARG A 10 18.21 -11.70 -60.57
C ARG A 10 18.31 -13.19 -60.27
N ASN A 11 18.49 -13.50 -58.98
CA ASN A 11 18.68 -14.87 -58.53
C ASN A 11 17.41 -15.68 -58.76
N LEU A 12 17.42 -16.52 -59.80
CA LEU A 12 16.24 -17.31 -60.14
C LEU A 12 16.00 -18.45 -59.17
N LEU A 13 17.02 -18.86 -58.41
CA LEU A 13 16.87 -19.89 -57.41
C LEU A 13 16.69 -19.34 -56.01
N ASN A 14 16.82 -18.02 -55.83
CA ASN A 14 16.80 -17.39 -54.51
C ASN A 14 17.79 -18.06 -53.57
N ALA A 15 18.91 -18.53 -54.12
CA ALA A 15 19.95 -19.22 -53.37
C ALA A 15 21.24 -18.44 -53.47
N TYR A 16 21.86 -18.16 -52.33
CA TYR A 16 23.02 -17.28 -52.26
C TYR A 16 24.15 -18.00 -51.55
N ALA A 17 25.25 -18.22 -52.24
CA ALA A 17 26.39 -18.97 -51.72
C ALA A 17 27.67 -18.20 -52.00
N GLY A 18 28.75 -18.64 -51.37
CA GLY A 18 30.04 -18.02 -51.53
C GLY A 18 30.34 -17.04 -50.42
N PRO A 19 31.49 -16.36 -50.52
CA PRO A 19 31.86 -15.38 -49.48
C PRO A 19 30.99 -14.14 -49.48
N ASN A 20 30.34 -13.81 -50.61
CA ASN A 20 29.50 -12.63 -50.71
C ASN A 20 28.01 -12.98 -50.68
N ALA A 21 27.66 -14.08 -50.00
CA ALA A 21 26.25 -14.48 -49.94
C ALA A 21 25.40 -13.42 -49.26
N LEU A 22 25.89 -12.85 -48.16
CA LEU A 22 25.13 -11.81 -47.47
C LEU A 22 25.03 -10.55 -48.30
N ARG A 23 26.10 -10.18 -49.00
CA ARG A 23 26.07 -8.99 -49.84
C ARG A 23 25.04 -9.13 -50.96
N ASP A 24 25.01 -10.29 -51.63
CA ASP A 24 24.06 -10.49 -52.71
C ASP A 24 22.64 -10.68 -52.18
N TYR A 25 22.49 -11.22 -50.97
CA TYR A 25 21.17 -11.43 -50.40
C TYR A 25 20.47 -10.11 -50.12
N PHE A 26 21.23 -9.08 -49.72
CA PHE A 26 20.68 -7.77 -49.43
C PHE A 26 20.62 -6.85 -50.65
N ASP A 27 21.23 -7.25 -51.76
CA ASP A 27 21.29 -6.41 -52.95
C ASP A 27 19.92 -6.36 -53.62
N PRO A 28 19.27 -5.20 -53.73
CA PRO A 28 17.97 -5.14 -54.41
C PRO A 28 18.04 -5.50 -55.89
N ASP A 29 19.22 -5.49 -56.49
CA ASP A 29 19.38 -5.89 -57.88
C ASP A 29 19.62 -7.38 -58.04
N CYS A 30 20.24 -8.02 -57.03
CA CYS A 30 20.44 -9.47 -57.07
C CYS A 30 19.16 -10.20 -56.64
N GLN A 31 18.56 -9.80 -55.53
CA GLN A 31 17.39 -10.46 -55.01
C GLN A 31 16.19 -10.26 -55.95
N PRO A 32 15.16 -11.09 -55.82
CA PRO A 32 13.91 -10.80 -56.50
C PRO A 32 13.37 -9.43 -56.10
N MET A 33 12.62 -8.81 -57.01
CA MET A 33 12.06 -7.50 -56.73
C MET A 33 11.15 -7.56 -55.50
N ILE A 34 11.14 -6.48 -54.73
CA ILE A 34 10.26 -6.33 -53.58
C ILE A 34 8.84 -6.61 -54.05
N PRO A 35 8.13 -7.54 -53.41
CA PRO A 35 6.84 -7.99 -53.96
C PRO A 35 5.81 -6.87 -54.02
N LEU A 36 5.01 -6.89 -55.08
CA LEU A 36 3.87 -6.00 -55.26
C LEU A 36 2.61 -6.86 -55.35
N VAL A 37 1.66 -6.62 -54.45
CA VAL A 37 0.49 -7.48 -54.30
C VAL A 37 -0.77 -6.63 -54.32
N GLU A 38 -1.73 -7.01 -55.17
CA GLU A 38 -3.00 -6.33 -55.22
C GLU A 38 -3.85 -6.73 -54.01
N ILE A 39 -4.37 -5.73 -53.29
CA ILE A 39 -5.18 -5.98 -52.10
C ILE A 39 -6.54 -6.50 -52.55
N PRO A 40 -7.23 -7.31 -51.75
CA PRO A 40 -8.49 -7.91 -52.21
C PRO A 40 -9.62 -6.88 -52.26
N GLN A 41 -10.71 -7.29 -52.91
CA GLN A 41 -11.88 -6.42 -53.02
C GLN A 41 -12.46 -6.09 -51.65
N SER A 42 -12.37 -7.03 -50.70
CA SER A 42 -12.92 -6.81 -49.37
C SER A 42 -12.28 -5.63 -48.67
N LEU A 43 -11.09 -5.21 -49.11
CA LEU A 43 -10.40 -4.06 -48.52
C LEU A 43 -10.41 -2.84 -49.43
N ASN A 44 -10.85 -2.97 -50.68
CA ASN A 44 -10.87 -1.86 -51.63
C ASN A 44 -12.29 -1.35 -51.76
N PRO A 45 -12.68 -0.27 -51.08
CA PRO A 45 -14.07 0.21 -51.19
C PRO A 45 -14.42 0.74 -52.56
N PHE A 46 -13.43 1.09 -53.38
CA PHE A 46 -13.68 1.64 -54.71
C PHE A 46 -13.41 0.63 -55.82
N TYR A 47 -13.39 -0.66 -55.48
CA TYR A 47 -13.12 -1.68 -56.49
C TYR A 47 -14.16 -1.67 -57.61
N GLU A 48 -15.42 -1.39 -57.25
CA GLU A 48 -16.48 -1.30 -58.25
C GLU A 48 -16.28 -0.12 -59.19
N ASP A 49 -15.52 0.89 -58.77
CA ASP A 49 -15.25 2.07 -59.58
C ASP A 49 -14.09 1.88 -60.55
N GLY A 50 -13.44 0.73 -60.53
CA GLY A 50 -12.38 0.44 -61.47
C GLY A 50 -10.98 0.76 -61.01
N VAL A 51 -10.76 0.91 -59.70
CA VAL A 51 -9.43 1.17 -59.16
C VAL A 51 -8.85 -0.14 -58.64
N ARG A 52 -7.56 -0.33 -58.85
CA ARG A 52 -6.81 -1.47 -58.34
C ARG A 52 -5.64 -0.94 -57.52
N ILE A 53 -5.56 -1.35 -56.27
CA ILE A 53 -4.58 -0.84 -55.32
C ILE A 53 -3.57 -1.93 -55.03
N HIS A 54 -2.29 -1.63 -55.23
CA HIS A 54 -1.21 -2.59 -55.09
C HIS A 54 -0.25 -2.13 -53.99
N ALA A 55 0.19 -3.06 -53.16
CA ALA A 55 1.05 -2.76 -52.02
C ALA A 55 2.48 -3.18 -52.34
N LYS A 56 3.41 -2.24 -52.20
CA LYS A 56 4.84 -2.51 -52.35
C LYS A 56 5.37 -2.92 -50.98
N MET A 57 5.54 -4.22 -50.76
CA MET A 57 5.85 -4.76 -49.45
C MET A 57 7.35 -4.64 -49.17
N MET A 58 7.78 -3.40 -48.91
CA MET A 58 9.17 -3.16 -48.54
C MET A 58 9.58 -3.93 -47.30
N SER A 59 8.60 -4.34 -46.48
CA SER A 59 8.86 -5.18 -45.31
C SER A 59 9.40 -6.54 -45.68
N MET A 60 9.31 -6.95 -46.94
CA MET A 60 9.76 -8.27 -47.37
C MET A 60 11.23 -8.31 -47.78
N HIS A 61 11.96 -7.19 -47.66
CA HIS A 61 13.40 -7.24 -47.79
C HIS A 61 13.98 -7.99 -46.59
N PRO A 62 15.14 -8.63 -46.76
CA PRO A 62 15.78 -9.33 -45.63
C PRO A 62 15.93 -8.51 -44.36
N SER A 63 15.99 -7.18 -44.49
CA SER A 63 16.09 -6.30 -43.34
C SER A 63 14.74 -5.94 -42.74
N ASN A 64 13.65 -6.18 -43.47
CA ASN A 64 12.25 -6.00 -43.06
C ASN A 64 11.80 -4.54 -42.98
N ASN A 65 12.53 -3.58 -43.53
CA ASN A 65 12.06 -2.20 -43.47
C ASN A 65 12.52 -1.42 -44.71
N VAL A 66 11.78 -0.35 -45.00
CA VAL A 66 12.01 0.46 -46.19
C VAL A 66 13.36 1.17 -46.12
N ILE A 68 16.21 0.23 -45.71
CA ILE A 68 17.39 -0.47 -46.23
C ILE A 68 17.84 0.14 -47.55
N MET A 69 16.91 0.68 -48.33
CA MET A 69 17.29 1.29 -49.60
C MET A 69 18.15 2.53 -49.41
N PRO A 70 17.78 3.52 -48.57
CA PRO A 70 18.70 4.63 -48.35
C PRO A 70 19.95 4.24 -47.58
N ALA A 71 19.85 3.28 -46.66
CA ALA A 71 21.03 2.83 -45.93
C ALA A 71 22.07 2.25 -46.89
N LEU A 72 21.62 1.43 -47.84
CA LEU A 72 22.53 0.87 -48.84
C LEU A 72 23.16 1.96 -49.69
N ASN A 73 22.33 2.88 -50.20
CA ASN A 73 22.84 3.89 -51.13
C ASN A 73 23.73 4.91 -50.43
N MET A 74 23.33 5.36 -49.24
CA MET A 74 24.12 6.37 -48.53
C MET A 74 25.48 5.82 -48.12
N LEU A 75 25.51 4.60 -47.57
CA LEU A 75 26.78 4.02 -47.15
C LEU A 75 27.69 3.75 -48.34
N THR A 76 27.13 3.21 -49.43
CA THR A 76 27.92 2.97 -50.63
C THR A 76 28.57 4.26 -51.13
N LYS A 77 27.86 5.39 -51.01
CA LYS A 77 28.39 6.67 -51.46
C LYS A 77 29.36 7.28 -50.46
N GLU A 78 28.99 7.27 -49.18
CA GLU A 78 29.72 8.06 -48.18
C GLU A 78 30.89 7.33 -47.56
N VAL A 79 30.85 6.01 -47.47
CA VAL A 79 31.91 5.29 -46.75
C VAL A 79 33.22 5.40 -47.51
N GLN A 80 34.32 5.47 -46.75
CA GLN A 80 35.65 5.47 -47.33
C GLN A 80 36.37 4.21 -46.87
N PRO A 81 36.63 3.26 -47.76
CA PRO A 81 37.29 2.01 -47.33
C PRO A 81 38.67 2.29 -46.76
N GLU A 82 39.08 1.43 -45.82
CA GLU A 82 40.36 1.53 -45.13
C GLU A 82 40.47 2.79 -44.28
N LYS A 83 39.42 3.59 -44.21
CA LYS A 83 39.48 4.86 -43.49
C LYS A 83 38.27 5.08 -42.59
N SER A 84 37.08 4.68 -43.02
CA SER A 84 35.87 4.84 -42.22
C SER A 84 35.72 3.65 -41.27
N LYS A 85 35.65 3.93 -39.97
CA LYS A 85 35.55 2.89 -38.97
C LYS A 85 34.41 3.07 -37.98
N THR A 86 33.67 4.18 -38.06
CA THR A 86 32.56 4.43 -37.14
C THR A 86 31.43 5.12 -37.89
N VAL A 87 30.21 4.63 -37.70
CA VAL A 87 29.02 5.20 -38.31
C VAL A 87 28.10 5.71 -37.21
N ILE A 88 27.68 6.97 -37.31
CA ILE A 88 26.81 7.60 -36.33
C ILE A 88 25.63 8.23 -37.06
N GLU A 89 24.43 8.02 -36.52
CA GLU A 89 23.23 8.50 -37.17
C GLU A 89 22.12 8.69 -36.15
N TYR A 90 21.38 9.80 -36.28
CA TYR A 90 20.17 10.03 -35.50
C TYR A 90 18.98 9.53 -36.30
N SER A 91 18.12 8.73 -35.66
CA SER A 91 16.98 8.16 -36.36
C SER A 91 15.88 7.85 -35.36
N SER A 92 14.72 7.47 -35.89
CA SER A 92 13.58 7.09 -35.07
C SER A 92 13.60 5.62 -34.68
N GLY A 93 14.40 4.80 -35.37
CA GLY A 93 14.52 3.40 -35.01
C GLY A 93 14.80 2.47 -36.17
N SER A 94 14.17 2.72 -37.32
CA SER A 94 14.30 1.78 -38.44
C SER A 94 15.55 2.04 -39.27
N THR A 95 15.97 3.30 -39.39
CA THR A 95 17.12 3.63 -40.25
C THR A 95 18.41 3.04 -39.70
N VAL A 96 18.68 3.28 -38.41
CA VAL A 96 19.97 2.89 -37.84
C VAL A 96 20.08 1.37 -37.69
N ILE A 97 18.96 0.66 -37.61
CA ILE A 97 19.02 -0.80 -37.68
C ILE A 97 19.52 -1.24 -39.05
N SER A 98 18.97 -0.63 -40.11
CA SER A 98 19.42 -0.96 -41.46
C SER A 98 20.86 -0.53 -41.70
N LEU A 99 21.31 0.53 -41.03
CA LEU A 99 22.71 0.94 -41.17
C LEU A 99 23.64 -0.08 -40.53
N ALA A 100 23.26 -0.64 -39.38
CA ALA A 100 24.12 -1.61 -38.71
C ALA A 100 24.30 -2.86 -39.55
N LEU A 101 23.22 -3.33 -40.20
CA LEU A 101 23.32 -4.51 -41.04
C LEU A 101 24.20 -4.25 -42.25
N VAL A 102 24.02 -3.11 -42.92
CA VAL A 102 24.81 -2.82 -44.11
C VAL A 102 26.26 -2.52 -43.74
N SER A 103 26.47 -1.84 -42.61
CA SER A 103 27.84 -1.49 -42.21
C SER A 103 28.71 -2.73 -42.03
N ARG A 104 28.12 -3.83 -41.56
CA ARG A 104 28.85 -5.07 -41.39
C ARG A 104 28.89 -5.91 -42.67
N ILE A 105 27.78 -5.99 -43.39
CA ILE A 105 27.71 -6.86 -44.56
C ILE A 105 28.56 -6.29 -45.70
N ASN A 106 28.40 -5.00 -46.00
CA ASN A 106 29.05 -4.43 -47.17
C ASN A 106 30.38 -3.76 -46.86
N HIS A 107 30.61 -3.33 -45.62
CA HIS A 107 31.80 -2.55 -45.30
C HIS A 107 32.57 -3.06 -44.09
N GLY A 108 32.12 -4.15 -43.46
CA GLY A 108 32.84 -4.70 -42.32
C GLY A 108 33.00 -3.73 -41.17
N ILE A 109 31.99 -2.90 -40.92
CA ILE A 109 32.01 -1.92 -39.84
C ILE A 109 31.02 -2.37 -38.77
N ASN A 110 31.50 -2.46 -37.53
CA ASN A 110 30.68 -2.89 -36.41
C ASN A 110 30.40 -1.79 -35.39
N ASP A 111 31.11 -0.66 -35.47
CA ASP A 111 30.89 0.45 -34.56
C ASP A 111 29.82 1.35 -35.16
N VAL A 112 28.57 1.07 -34.83
CA VAL A 112 27.42 1.84 -35.30
C VAL A 112 26.72 2.41 -34.07
N ARG A 113 26.77 3.74 -33.92
CA ARG A 113 26.18 4.41 -32.77
C ARG A 113 24.86 5.05 -33.17
N ALA A 114 23.83 4.81 -32.38
CA ALA A 114 22.48 5.30 -32.67
C ALA A 114 22.14 6.42 -31.69
N PHE A 115 21.86 7.60 -32.23
CA PHE A 115 21.39 8.72 -31.43
C PHE A 115 19.87 8.74 -31.49
N LEU A 116 19.23 8.55 -30.34
CA LEU A 116 17.78 8.45 -30.26
C LEU A 116 17.25 9.43 -29.22
N SER A 117 15.95 9.69 -29.29
CA SER A 117 15.30 10.52 -28.28
C SER A 117 15.15 9.75 -26.97
N ASN A 118 15.20 10.50 -25.87
CA ASN A 118 14.99 9.90 -24.56
C ASN A 118 13.55 9.44 -24.35
N LYS A 119 12.62 9.88 -25.20
CA LYS A 119 11.22 9.49 -25.11
C LYS A 119 10.91 8.24 -25.93
N THR A 120 11.91 7.60 -26.50
CA THR A 120 11.70 6.36 -27.23
C THR A 120 11.24 5.26 -26.28
N SER A 121 10.23 4.51 -26.70
CA SER A 121 9.64 3.49 -25.84
C SER A 121 10.68 2.45 -25.42
N ALA A 122 10.50 1.92 -24.21
CA ALA A 122 11.41 0.89 -23.72
C ALA A 122 11.45 -0.35 -24.60
N PRO A 123 10.35 -0.86 -25.15
CA PRO A 123 10.48 -1.98 -26.10
C PRO A 123 11.31 -1.64 -27.32
N LYS A 124 11.12 -0.45 -27.89
CA LYS A 124 11.90 -0.07 -29.07
C LYS A 124 13.37 0.17 -28.73
N LEU A 125 13.65 0.61 -27.50
CA LEU A 125 15.04 0.80 -27.09
C LEU A 125 15.78 -0.52 -27.03
N ARG A 126 15.11 -1.59 -26.60
CA ARG A 126 15.75 -2.90 -26.55
C ARG A 126 15.98 -3.47 -27.95
N LEU A 127 15.14 -3.08 -28.92
CA LEU A 127 15.31 -3.59 -30.28
C LEU A 127 16.60 -3.07 -30.90
N MET A 128 16.98 -1.83 -30.60
CA MET A 128 18.26 -1.30 -31.08
C MET A 128 19.42 -2.07 -30.46
N GLN A 129 19.36 -2.32 -29.14
CA GLN A 129 20.39 -3.12 -28.50
C GLN A 129 20.41 -4.54 -29.03
N PHE A 130 19.24 -5.06 -29.43
CA PHE A 130 19.18 -6.41 -29.98
C PHE A 130 20.02 -6.54 -31.24
N PHE A 131 19.97 -5.54 -32.11
CA PHE A 131 20.72 -5.55 -33.36
C PHE A 131 22.14 -5.05 -33.20
N GLY A 132 22.62 -4.88 -31.97
CA GLY A 132 24.00 -4.51 -31.74
C GLY A 132 24.32 -3.03 -31.85
N LEU A 133 23.32 -2.16 -31.65
CA LEU A 133 23.53 -0.73 -31.77
C LEU A 133 23.97 -0.13 -30.45
N ASP A 134 24.73 0.97 -30.54
CA ASP A 134 25.18 1.72 -29.37
C ASP A 134 24.27 2.93 -29.24
N VAL A 135 23.35 2.88 -28.29
CA VAL A 135 22.27 3.87 -28.19
C VAL A 135 22.70 4.99 -27.26
N THR A 136 22.53 6.23 -27.71
CA THR A 136 22.72 7.41 -26.90
C THR A 136 21.43 8.22 -26.91
N LEU A 137 20.88 8.50 -25.73
CA LEU A 137 19.63 9.23 -25.63
C LEU A 137 19.90 10.73 -25.64
N PHE A 138 19.02 11.47 -26.31
CA PHE A 138 19.12 12.92 -26.42
C PHE A 138 17.85 13.55 -25.89
N GLY A 139 17.99 14.44 -24.92
CA GLY A 139 16.86 15.20 -24.43
C GLY A 139 16.39 16.23 -25.44
N GLY A 140 15.25 16.85 -25.12
CA GLY A 140 14.67 17.86 -25.98
C GLY A 140 13.64 17.27 -26.92
N PRO A 141 13.40 17.95 -28.04
CA PRO A 141 12.40 17.45 -29.00
C PRO A 141 12.84 16.14 -29.62
N SER A 142 11.91 15.19 -29.69
CA SER A 142 12.23 13.89 -30.27
C SER A 142 12.50 13.99 -31.76
N GLN A 143 11.90 14.97 -32.44
CA GLN A 143 12.08 15.17 -33.88
C GLN A 143 12.59 16.59 -34.11
N PRO A 144 13.85 16.85 -33.79
CA PRO A 144 14.38 18.22 -33.92
C PRO A 144 14.70 18.57 -35.37
N ALA A 145 14.75 19.87 -35.63
CA ALA A 145 15.16 20.35 -36.93
C ALA A 145 16.64 20.04 -37.15
N PRO A 146 17.03 19.79 -38.41
CA PRO A 146 18.45 19.45 -38.67
C PRO A 146 19.42 20.53 -38.24
N ASN A 147 19.00 21.79 -38.21
CA ASN A 147 19.87 22.89 -37.81
C ASN A 147 19.73 23.24 -36.33
N ASP A 148 18.86 22.55 -35.59
CA ASP A 148 18.81 22.69 -34.14
C ASP A 148 20.10 22.15 -33.55
N GLU A 149 20.99 23.06 -33.12
CA GLU A 149 22.28 22.65 -32.59
C GLU A 149 22.17 21.90 -31.27
N ARG A 150 21.01 21.95 -30.61
CA ARG A 150 20.80 21.14 -29.42
C ARG A 150 20.50 19.69 -29.78
N GLY A 151 19.78 19.47 -30.86
CA GLY A 151 19.35 18.14 -31.24
C GLY A 151 20.51 17.23 -31.63
N GLY A 152 20.18 15.94 -31.75
CA GLY A 152 21.18 14.94 -32.09
C GLY A 152 21.58 14.93 -33.54
N ILE A 153 20.75 15.48 -34.44
CA ILE A 153 21.10 15.51 -35.85
C ILE A 153 22.31 16.39 -36.08
N TYR A 154 22.38 17.53 -35.37
CA TYR A 154 23.48 18.47 -35.58
C TYR A 154 24.77 17.93 -34.99
N ARG A 155 24.73 17.44 -33.74
CA ARG A 155 25.94 16.94 -33.11
C ARG A 155 26.49 15.72 -33.83
N ALA A 156 25.61 14.87 -34.36
CA ALA A 156 26.07 13.73 -35.15
C ALA A 156 26.78 14.20 -36.42
N ARG A 157 26.28 15.28 -37.02
CA ARG A 157 26.93 15.81 -38.22
C ARG A 157 28.25 16.49 -37.89
N MET A 158 28.38 17.03 -36.67
CA MET A 158 29.63 17.68 -36.28
C MET A 158 30.68 16.70 -35.80
N MET A 159 30.26 15.58 -35.18
CA MET A 159 31.22 14.58 -34.75
C MET A 159 31.89 13.90 -35.94
N ALA A 160 31.19 13.77 -37.07
CA ALA A 160 31.81 13.27 -38.29
C ALA A 160 32.68 14.33 -38.94
N ARG A 161 32.39 15.61 -38.69
CA ARG A 161 33.25 16.69 -39.18
C ARG A 161 34.49 16.83 -38.32
N GLU A 162 34.34 16.62 -37.00
CA GLU A 162 35.47 16.80 -36.08
C GLU A 162 36.52 15.72 -36.28
N ASP A 163 36.11 14.48 -36.48
CA ASP A 163 37.02 13.36 -36.61
C ASP A 163 37.02 12.85 -38.05
N GLU A 164 38.19 12.36 -38.48
CA GLU A 164 38.33 11.87 -39.85
C GLU A 164 37.89 10.42 -40.00
N ALA A 165 37.75 9.68 -38.89
CA ALA A 165 37.33 8.29 -38.94
C ALA A 165 35.84 8.08 -38.72
N ILE A 166 35.14 9.09 -38.21
CA ILE A 166 33.71 9.00 -37.94
C ILE A 166 32.94 9.45 -39.16
N LEU A 167 31.92 8.69 -39.54
CA LEU A 167 31.10 8.97 -40.71
C LEU A 167 29.64 9.13 -40.29
N ASN A 168 28.98 10.17 -40.81
CA ASN A 168 27.57 10.40 -40.58
C ASN A 168 26.90 10.63 -41.93
N VAL A 169 26.09 9.67 -42.37
CA VAL A 169 25.47 9.78 -43.68
C VAL A 169 24.35 10.82 -43.66
N ASP A 170 23.74 11.05 -42.49
CA ASP A 170 22.69 12.06 -42.32
C ASP A 170 21.52 11.80 -43.26
N GLN A 171 20.62 10.90 -42.87
CA GLN A 171 19.46 10.58 -43.70
C GLN A 171 18.55 11.79 -43.94
N TYR A 172 18.64 12.81 -43.09
CA TYR A 172 17.75 13.96 -43.20
C TYR A 172 18.20 14.96 -44.25
N GLU A 173 19.47 14.95 -44.64
CA GLU A 173 19.99 15.94 -45.58
C GLU A 173 20.76 15.35 -46.75
N ASN A 174 21.02 14.04 -46.78
CA ASN A 174 21.78 13.42 -47.86
C ASN A 174 20.84 13.07 -49.01
N ASP A 175 21.18 13.52 -50.21
CA ASP A 175 20.36 13.23 -51.38
C ASP A 175 20.32 11.74 -51.71
N ALA A 176 21.32 10.98 -51.29
CA ALA A 176 21.33 9.54 -51.57
C ALA A 176 20.15 8.81 -50.93
N ASN A 177 19.50 9.44 -49.95
CA ASN A 177 18.28 8.88 -49.37
C ASN A 177 17.20 8.73 -50.43
N TRP A 178 16.70 9.85 -50.95
CA TRP A 178 15.64 9.77 -51.94
C TRP A 178 16.14 9.21 -53.27
N GLN A 179 17.43 9.37 -53.56
CA GLN A 179 18.00 8.82 -54.79
C GLN A 179 17.97 7.30 -54.81
N SER A 180 17.94 6.65 -53.65
CA SER A 180 17.89 5.19 -53.62
C SER A 180 16.54 4.68 -54.13
N HIS A 181 15.48 5.48 -53.98
CA HIS A 181 14.18 5.09 -54.50
C HIS A 181 14.02 5.43 -55.98
N VAL A 182 14.77 6.42 -56.47
CA VAL A 182 14.85 6.62 -57.91
C VAL A 182 15.58 5.44 -58.56
N LYS A 183 16.48 4.79 -57.81
CA LYS A 183 17.28 3.71 -58.38
C LYS A 183 16.57 2.37 -58.29
N TRP A 184 15.90 2.08 -57.18
CA TRP A 184 15.34 0.76 -56.92
C TRP A 184 13.81 0.78 -56.83
N THR A 185 13.24 1.44 -55.82
CA THR A 185 11.81 1.31 -55.55
C THR A 185 10.97 1.76 -56.75
N GLY A 186 11.28 2.91 -57.30
CA GLY A 186 10.56 3.44 -58.45
C GLY A 186 10.59 2.52 -59.65
N PRO A 187 11.78 2.21 -60.17
CA PRO A 187 11.86 1.33 -61.34
C PRO A 187 11.20 -0.03 -61.13
N GLN A 188 11.31 -0.60 -59.93
CA GLN A 188 10.67 -1.88 -59.68
C GLN A 188 9.15 -1.76 -59.81
N ILE A 189 8.55 -0.76 -59.16
CA ILE A 189 7.11 -0.57 -59.24
C ILE A 189 6.68 -0.31 -60.67
N HIS A 190 7.46 0.50 -61.40
CA HIS A 190 7.12 0.80 -62.79
C HIS A 190 7.09 -0.46 -63.63
N GLU A 191 8.09 -1.33 -63.48
CA GLU A 191 8.10 -2.58 -64.24
C GLU A 191 7.08 -3.57 -63.71
N GLN A 192 6.84 -3.58 -62.39
CA GLN A 192 5.84 -4.49 -61.83
C GLN A 192 4.42 -4.06 -62.19
N LEU A 193 4.21 -2.78 -62.45
CA LEU A 193 2.88 -2.23 -62.74
C LEU A 193 3.01 -1.19 -63.84
N PRO A 194 3.10 -1.62 -65.10
CA PRO A 194 3.29 -0.65 -66.19
C PRO A 194 2.12 0.30 -66.37
N SER A 195 0.90 -0.12 -66.03
CA SER A 195 -0.28 0.72 -66.16
C SER A 195 -0.51 1.60 -64.94
N ILE A 196 0.53 1.85 -64.14
CA ILE A 196 0.35 2.63 -62.92
C ILE A 196 -0.13 4.03 -63.27
N ARG A 197 -1.05 4.54 -62.46
CA ARG A 197 -1.58 5.88 -62.65
C ARG A 197 -1.54 6.72 -61.38
N LEU A 198 -1.11 6.17 -60.26
CA LEU A 198 -0.97 6.91 -59.03
C LEU A 198 -0.01 6.18 -58.11
N ILE A 199 0.87 6.94 -57.46
CA ILE A 199 1.85 6.39 -56.51
C ILE A 199 1.69 7.13 -55.19
N CYS A 200 1.69 6.38 -54.09
CA CYS A 200 1.37 6.92 -52.78
C CYS A 200 2.38 6.45 -51.74
N ALA A 201 2.77 7.36 -50.86
CA ALA A 201 3.73 7.05 -49.81
C ALA A 201 3.70 8.14 -48.74
N GLY A 202 3.88 7.73 -47.50
CA GLY A 202 4.01 8.69 -46.42
C GLY A 202 5.37 9.38 -46.44
N MET A 203 5.46 10.46 -45.67
CA MET A 203 6.65 11.30 -45.65
C MET A 203 7.12 11.47 -44.20
N GLY A 204 8.29 10.93 -43.90
CA GLY A 204 8.97 11.21 -42.64
C GLY A 204 10.21 12.04 -42.93
N THR A 205 11.28 11.40 -43.39
CA THR A 205 12.38 12.12 -43.99
C THR A 205 12.04 12.62 -45.39
N SER A 206 10.90 12.21 -45.92
CA SER A 206 10.43 12.46 -47.29
C SER A 206 11.28 11.77 -48.34
N GLY A 207 12.23 10.92 -47.94
CA GLY A 207 13.10 10.28 -48.90
C GLY A 207 12.35 9.34 -49.85
N THR A 208 11.42 8.56 -49.30
CA THR A 208 10.69 7.61 -50.13
C THR A 208 9.79 8.32 -51.13
N MET A 209 9.06 9.34 -50.69
CA MET A 209 8.16 10.03 -51.60
C MET A 209 8.93 10.88 -52.60
N THR A 210 9.99 11.55 -52.16
CA THR A 210 10.80 12.33 -53.09
C THR A 210 11.39 11.45 -54.17
N GLY A 211 11.88 10.26 -53.80
CA GLY A 211 12.41 9.35 -54.79
C GLY A 211 11.35 8.88 -55.78
N LEU A 212 10.21 8.42 -55.26
CA LEU A 212 9.14 7.96 -56.14
C LEU A 212 8.60 9.09 -57.00
N GLY A 213 8.53 10.29 -56.43
CA GLY A 213 8.02 11.45 -57.16
C GLY A 213 8.97 11.96 -58.22
N GLN A 214 10.27 12.00 -57.91
CA GLN A 214 11.23 12.47 -58.89
C GLN A 214 11.40 11.49 -60.04
N TYR A 215 11.42 10.18 -59.74
CA TYR A 215 11.56 9.19 -60.79
C TYR A 215 10.36 9.19 -61.72
N PHE A 216 9.15 9.14 -61.15
CA PHE A 216 7.94 9.10 -61.96
C PHE A 216 7.62 10.44 -62.62
N LYS A 217 8.29 11.52 -62.22
CA LYS A 217 8.07 12.80 -62.89
C LYS A 217 8.51 12.74 -64.34
N THR A 218 9.64 12.10 -64.62
CA THR A 218 10.14 11.93 -65.98
C THR A 218 9.70 10.60 -66.59
N ALA A 219 9.81 9.52 -65.84
CA ALA A 219 9.32 8.22 -66.29
C ALA A 219 7.82 8.14 -66.06
N LYS A 220 7.05 8.18 -67.14
CA LYS A 220 5.59 8.24 -67.11
C LYS A 220 5.13 9.46 -66.33
N PRO A 221 5.15 10.65 -66.95
CA PRO A 221 4.73 11.86 -66.23
C PRO A 221 3.24 11.90 -65.90
N SER A 222 2.46 10.96 -66.41
CA SER A 222 1.01 10.99 -66.22
C SER A 222 0.56 10.39 -64.90
N VAL A 223 1.46 9.81 -64.12
CA VAL A 223 1.09 9.20 -62.84
C VAL A 223 0.93 10.29 -61.80
N PHE A 224 -0.16 10.22 -61.03
CA PHE A 224 -0.38 11.17 -59.95
C PHE A 224 0.48 10.79 -58.75
N ARG A 225 1.01 11.79 -58.06
CA ARG A 225 1.90 11.59 -56.93
C ARG A 225 1.23 12.13 -55.68
N LEU A 226 0.95 11.26 -54.72
CA LEU A 226 0.13 11.58 -53.56
C LEU A 226 0.90 11.29 -52.28
N GLY A 227 1.35 12.35 -51.60
CA GLY A 227 1.98 12.19 -50.31
C GLY A 227 0.98 12.17 -49.17
N VAL A 228 1.40 11.59 -48.04
CA VAL A 228 0.55 11.48 -46.86
C VAL A 228 1.35 11.95 -45.65
N CYS A 229 0.75 12.84 -44.85
CA CYS A 229 1.35 13.35 -43.63
C CYS A 229 0.42 13.08 -42.45
N THR A 230 1.00 13.03 -41.25
CA THR A 230 0.22 12.80 -40.05
C THR A 230 -0.51 14.08 -39.64
N ALA A 231 -1.72 13.92 -39.13
CA ALA A 231 -2.49 15.06 -38.67
C ALA A 231 -1.74 15.81 -37.57
N ALA A 232 -2.12 17.07 -37.37
CA ALA A 232 -1.37 17.95 -36.47
C ALA A 232 -1.36 17.41 -35.05
N GLY A 233 -2.50 16.88 -34.58
CA GLY A 233 -2.56 16.39 -33.22
C GLY A 233 -2.07 14.97 -33.02
N ASP A 234 -2.05 14.17 -34.09
CA ASP A 234 -1.69 12.77 -34.00
C ASP A 234 -0.19 12.58 -34.24
N ARG A 235 0.27 11.34 -34.12
CA ARG A 235 1.60 10.95 -34.55
C ARG A 235 1.62 9.44 -34.71
N VAL A 236 2.21 8.97 -35.80
CA VAL A 236 2.36 7.53 -36.05
C VAL A 236 3.83 7.27 -36.34
N PRO A 237 4.33 6.07 -36.04
CA PRO A 237 5.78 5.81 -36.23
C PRO A 237 6.13 5.75 -37.72
N GLY A 238 7.13 6.51 -38.11
CA GLY A 238 7.59 6.56 -39.47
C GLY A 238 7.49 7.94 -40.07
N PRO A 239 6.29 8.32 -40.50
CA PRO A 239 6.11 9.62 -41.17
C PRO A 239 6.08 10.80 -40.20
N ARG A 240 5.77 11.98 -40.73
CA ARG A 240 5.73 13.21 -39.95
C ARG A 240 4.54 14.05 -40.41
N SER A 241 4.27 15.09 -39.65
CA SER A 241 3.21 16.04 -40.00
C SER A 241 3.73 17.06 -41.01
N LEU A 242 2.80 17.83 -41.58
CA LEU A 242 3.19 18.84 -42.55
C LEU A 242 4.07 19.91 -41.92
N ALA A 243 3.82 20.25 -40.66
CA ALA A 243 4.59 21.28 -39.99
C ALA A 243 6.07 20.90 -39.92
N LEU A 244 6.37 19.67 -39.52
CA LEU A 244 7.75 19.22 -39.41
C LEU A 244 8.39 18.87 -40.75
N LEU A 245 7.64 18.97 -41.85
CA LEU A 245 8.20 18.78 -43.19
C LEU A 245 8.72 20.08 -43.80
N SER A 246 8.59 21.20 -43.10
CA SER A 246 9.03 22.50 -43.59
C SER A 246 10.56 22.63 -43.67
N PRO A 247 11.33 22.17 -42.67
CA PRO A 247 12.78 22.47 -42.70
C PRO A 247 13.58 21.63 -43.70
N VAL A 248 13.08 20.45 -44.09
CA VAL A 248 13.89 19.56 -44.92
C VAL A 248 14.13 20.18 -46.29
N GLU A 249 15.30 19.90 -46.86
CA GLU A 249 15.73 20.48 -48.12
C GLU A 249 15.47 19.58 -49.31
N PHE A 250 14.95 18.38 -49.10
CA PHE A 250 14.65 17.49 -50.21
C PHE A 250 13.56 18.09 -51.09
N PRO A 251 13.63 17.93 -52.40
CA PRO A 251 12.60 18.51 -53.27
C PRO A 251 11.29 17.73 -53.22
N TRP A 252 10.68 17.66 -52.03
CA TRP A 252 9.46 16.87 -51.87
C TRP A 252 8.24 17.59 -52.42
N ARG A 253 8.23 18.93 -52.39
CA ARG A 253 7.12 19.65 -52.99
C ARG A 253 7.08 19.46 -54.50
N ASP A 254 8.24 19.36 -55.14
CA ASP A 254 8.31 19.05 -56.55
C ASP A 254 8.06 17.58 -56.84
N SER A 255 7.93 16.74 -55.81
CA SER A 255 7.71 15.32 -55.97
C SER A 255 6.26 14.91 -55.71
N VAL A 256 5.42 15.80 -55.18
CA VAL A 256 4.05 15.48 -54.85
C VAL A 256 3.12 16.35 -55.68
N ASP A 257 1.96 15.80 -56.03
CA ASP A 257 0.89 16.55 -56.67
C ASP A 257 -0.25 16.88 -55.71
N ALA A 258 -0.36 16.13 -54.60
CA ALA A 258 -1.32 16.43 -53.55
C ALA A 258 -0.82 15.77 -52.27
N ILE A 259 -1.35 16.23 -51.14
CA ILE A 259 -0.93 15.75 -49.83
C ILE A 259 -2.17 15.53 -48.97
N GLU A 260 -2.27 14.34 -48.39
CA GLU A 260 -3.35 14.00 -47.48
C GLU A 260 -2.84 13.95 -46.05
N GLU A 261 -3.73 14.25 -45.11
CA GLU A 261 -3.43 14.17 -43.69
C GLU A 261 -4.29 13.07 -43.07
N VAL A 262 -3.64 12.19 -42.30
CA VAL A 262 -4.28 10.99 -41.78
C VAL A 262 -3.98 10.86 -40.29
N GLY A 263 -5.01 10.48 -39.52
CA GLY A 263 -4.84 10.27 -38.10
C GLY A 263 -4.24 8.91 -37.77
N SER A 264 -3.85 8.75 -36.50
CA SER A 264 -3.19 7.53 -36.07
C SER A 264 -4.17 6.37 -35.91
N LYS A 265 -5.39 6.66 -35.42
CA LYS A 265 -6.37 5.59 -35.23
C LYS A 265 -6.73 4.93 -36.55
N ASP A 266 -6.95 5.73 -37.59
CA ASP A 266 -7.21 5.17 -38.91
C ASP A 266 -6.01 4.40 -39.44
N ALA A 267 -4.79 4.84 -39.08
CA ALA A 267 -3.59 4.13 -39.53
C ALA A 267 -3.52 2.73 -38.94
N PHE A 268 -3.63 2.63 -37.61
CA PHE A 268 -3.56 1.33 -36.95
C PHE A 268 -4.73 0.44 -37.35
N THR A 269 -5.92 1.02 -37.50
CA THR A 269 -7.08 0.23 -37.90
C THR A 269 -6.88 -0.42 -39.26
N LEU A 270 -6.48 0.37 -40.26
CA LEU A 270 -6.28 -0.16 -41.59
C LEU A 270 -5.09 -1.10 -41.66
N SER A 271 -4.01 -0.76 -40.93
CA SER A 271 -2.87 -1.67 -40.85
C SER A 271 -3.25 -2.99 -40.21
N LEU A 272 -4.17 -2.98 -39.25
CA LEU A 272 -4.66 -4.22 -38.68
C LEU A 272 -5.46 -5.02 -39.71
N LYS A 273 -6.20 -4.34 -40.57
CA LYS A 273 -6.96 -5.02 -41.61
C LYS A 273 -6.07 -5.59 -42.71
N LEU A 274 -4.87 -5.03 -42.90
CA LEU A 274 -3.97 -5.54 -43.92
C LEU A 274 -3.28 -6.83 -43.47
N CYS A 275 -2.89 -6.90 -42.19
CA CYS A 275 -2.24 -8.11 -41.70
C CYS A 275 -3.20 -9.31 -41.73
N ARG A 276 -4.46 -9.10 -41.35
CA ARG A 276 -5.43 -10.18 -41.34
C ARG A 276 -5.80 -10.63 -42.75
N GLU A 277 -5.51 -9.83 -43.77
CA GLU A 277 -5.68 -10.25 -45.15
C GLU A 277 -4.50 -11.05 -45.68
N GLY A 278 -3.37 -11.04 -44.98
CA GLY A 278 -2.16 -11.70 -45.43
C GLY A 278 -1.02 -10.76 -45.76
N LEU A 279 -1.26 -9.46 -45.80
CA LEU A 279 -0.22 -8.46 -46.07
C LEU A 279 0.24 -7.91 -44.74
N ILE A 280 1.22 -8.59 -44.14
CA ILE A 280 1.70 -8.24 -42.80
C ILE A 280 2.54 -6.97 -42.90
N CYS A 281 2.04 -5.88 -42.34
CA CYS A 281 2.71 -4.59 -42.43
C CYS A 281 2.30 -3.71 -41.25
N GLY A 282 3.15 -2.74 -40.95
CA GLY A 282 3.03 -1.95 -39.73
C GLY A 282 2.12 -0.74 -39.86
N PRO A 283 2.10 0.09 -38.81
CA PRO A 283 1.12 1.20 -38.76
C PRO A 283 1.28 2.20 -39.88
N SER A 284 2.51 2.53 -40.28
CA SER A 284 2.70 3.49 -41.35
C SER A 284 2.19 2.97 -42.69
N SER A 285 1.98 1.66 -42.81
CA SER A 285 1.43 1.10 -44.04
C SER A 285 -0.06 1.38 -44.14
N GLY A 286 -0.81 1.09 -43.07
CA GLY A 286 -2.20 1.51 -43.03
C GLY A 286 -2.35 3.02 -43.06
N PHE A 287 -1.32 3.74 -42.59
CA PHE A 287 -1.29 5.19 -42.71
C PHE A 287 -1.21 5.62 -44.17
N ASN A 288 -0.38 4.94 -44.96
CA ASN A 288 -0.28 5.25 -46.38
C ASN A 288 -1.55 4.90 -47.14
N LEU A 289 -2.14 3.73 -46.82
CA LEU A 289 -3.34 3.31 -47.53
C LEU A 289 -4.53 4.21 -47.18
N GLN A 290 -4.60 4.69 -45.95
CA GLN A 290 -5.69 5.57 -45.56
C GLN A 290 -5.63 6.90 -46.31
N GLY A 291 -4.41 7.43 -46.52
CA GLY A 291 -4.28 8.63 -47.33
C GLY A 291 -4.74 8.41 -48.75
N LEU A 292 -4.48 7.21 -49.29
CA LEU A 292 -4.97 6.88 -50.62
C LEU A 292 -6.49 6.78 -50.64
N PHE A 293 -7.07 6.13 -49.63
CA PHE A 293 -8.52 6.04 -49.55
C PHE A 293 -9.16 7.42 -49.46
N ASN A 294 -8.55 8.32 -48.66
CA ASN A 294 -9.12 9.66 -48.49
C ASN A 294 -9.08 10.45 -49.78
N TYR A 295 -7.97 10.39 -50.51
CA TYR A 295 -7.89 11.11 -51.78
C TYR A 295 -8.82 10.51 -52.82
N LEU A 296 -8.92 9.18 -52.87
CA LEU A 296 -9.84 8.54 -53.81
C LEU A 296 -11.28 8.84 -53.45
N GLY A 297 -11.62 8.84 -52.16
CA GLY A 297 -12.99 9.12 -51.77
C GLY A 297 -13.40 10.55 -52.03
N ARG A 298 -12.52 11.51 -51.72
CA ARG A 298 -12.79 12.90 -52.04
C ARG A 298 -12.91 13.10 -53.53
N LEU A 299 -12.07 12.41 -54.32
CA LEU A 299 -12.13 12.53 -55.77
C LEU A 299 -13.39 11.85 -56.32
N LYS A 300 -13.78 10.73 -55.72
CA LYS A 300 -14.97 10.02 -56.18
C LYS A 300 -16.24 10.80 -55.88
N ALA A 301 -16.32 11.41 -54.68
CA ALA A 301 -17.50 12.17 -54.31
C ALA A 301 -17.67 13.39 -55.21
N ALA A 302 -16.56 13.99 -55.67
CA ALA A 302 -16.64 15.12 -56.58
C ALA A 302 -16.94 14.71 -58.01
N GLY A 303 -16.76 13.43 -58.34
CA GLY A 303 -17.06 12.92 -59.66
C GLY A 303 -15.92 12.94 -60.65
N THR A 304 -14.71 13.28 -60.21
CA THR A 304 -13.54 13.31 -61.07
C THR A 304 -12.67 12.06 -60.92
N LEU A 305 -13.26 10.96 -60.44
CA LEU A 305 -12.50 9.73 -60.31
C LEU A 305 -12.10 9.16 -61.66
N SER A 306 -12.92 9.37 -62.69
CA SER A 306 -12.59 8.95 -64.04
C SER A 306 -11.42 9.72 -64.63
N SER A 307 -11.05 10.84 -64.02
CA SER A 307 -9.93 11.64 -64.54
C SER A 307 -8.59 10.93 -64.36
N LEU A 308 -8.49 10.06 -63.36
CA LEU A 308 -7.24 9.34 -63.14
C LEU A 308 -7.06 8.16 -64.09
N ALA A 309 -8.14 7.65 -64.67
CA ALA A 309 -8.07 6.45 -65.49
C ALA A 309 -7.50 6.76 -66.87
N GLY A 310 -6.96 5.74 -67.51
CA GLY A 310 -6.51 5.83 -68.87
C GLY A 310 -7.61 5.42 -69.84
N PRO A 311 -7.59 4.16 -70.27
CA PRO A 311 -8.66 3.59 -71.11
C PRO A 311 -9.85 3.13 -70.29
N ILE A 314 -9.00 1.40 -66.21
CA ILE A 314 -8.76 1.07 -64.82
C ILE A 314 -7.72 2.00 -64.20
N ILE A 315 -7.82 2.22 -62.90
CA ILE A 315 -6.91 3.08 -62.16
C ILE A 315 -6.03 2.17 -61.30
N ASP A 316 -4.75 2.06 -61.66
CA ASP A 316 -3.80 1.25 -60.91
C ASP A 316 -3.03 2.16 -59.96
N CYS A 317 -3.17 1.92 -58.66
CA CYS A 317 -2.50 2.69 -57.63
C CYS A 317 -1.54 1.79 -56.86
N ALA A 318 -0.36 2.32 -56.54
CA ALA A 318 0.64 1.63 -55.75
C ALA A 318 0.97 2.45 -54.52
N PHE A 319 0.94 1.82 -53.35
CA PHE A 319 1.32 2.47 -52.11
C PHE A 319 2.37 1.63 -51.40
N ILE A 320 3.16 2.30 -50.56
CA ILE A 320 4.31 1.70 -49.91
C ILE A 320 3.91 1.11 -48.58
N CYS A 321 4.33 -0.12 -48.32
CA CYS A 321 4.25 -0.75 -47.01
C CYS A 321 5.66 -0.82 -46.43
N CYS A 322 5.88 -0.15 -45.31
CA CYS A 322 7.20 0.24 -44.85
C CYS A 322 7.89 -0.78 -43.94
N ASP A 323 7.18 -1.33 -42.95
CA ASP A 323 7.80 -2.29 -42.04
C ASP A 323 6.74 -3.25 -41.53
N LEU A 324 7.16 -4.14 -40.59
CA LEU A 324 6.35 -5.16 -39.95
C LEU A 324 5.71 -4.62 -38.67
N PRO A 325 4.53 -5.12 -38.29
CA PRO A 325 3.83 -4.59 -37.10
C PRO A 325 4.31 -5.19 -35.78
N TYR A 326 5.11 -6.24 -35.81
CA TYR A 326 5.47 -6.95 -34.57
C TYR A 326 6.04 -6.05 -33.47
N PRO A 327 6.91 -5.07 -33.74
CA PRO A 327 7.35 -4.17 -32.65
C PRO A 327 6.25 -3.28 -32.11
N TYR A 328 5.11 -3.16 -32.78
CA TYR A 328 4.08 -2.20 -32.41
C TYR A 328 2.82 -2.84 -31.85
N VAL A 329 2.84 -4.15 -31.56
CA VAL A 329 1.60 -4.88 -31.27
C VAL A 329 0.86 -4.25 -30.10
N ASP A 330 1.59 -3.90 -29.03
CA ASP A 330 0.94 -3.33 -27.86
C ASP A 330 0.24 -2.01 -28.17
N GLU A 331 0.79 -1.23 -29.10
CA GLU A 331 0.18 0.06 -29.44
C GLU A 331 -1.19 -0.12 -30.08
N TYR A 332 -1.40 -1.22 -30.82
CA TYR A 332 -2.69 -1.46 -31.45
C TYR A 332 -3.81 -1.56 -30.40
N PHE A 333 -3.55 -2.29 -29.31
CA PHE A 333 -4.57 -2.45 -28.28
C PHE A 333 -4.82 -1.14 -27.54
N ASP A 334 -3.79 -0.30 -27.40
CA ASP A 334 -3.98 0.99 -26.74
C ASP A 334 -4.80 1.95 -27.60
N LYS A 335 -4.54 1.98 -28.90
CA LYS A 335 -5.19 2.94 -29.79
C LYS A 335 -6.55 2.45 -30.29
N LEU A 336 -6.74 1.15 -30.46
CA LEU A 336 -7.99 0.61 -30.94
C LEU A 336 -8.85 0.14 -29.77
N GLY A 337 -10.14 -0.05 -30.05
CA GLY A 337 -11.09 -0.48 -29.04
C GLY A 337 -11.12 -1.98 -28.86
N ASP A 338 -12.06 -2.43 -28.02
CA ASP A 338 -12.26 -3.85 -27.81
C ASP A 338 -12.83 -4.53 -29.05
N ASN A 339 -13.52 -3.79 -29.92
CA ASN A 339 -14.02 -4.35 -31.16
C ASN A 339 -12.85 -4.76 -32.06
N ALA A 340 -13.16 -5.61 -33.03
CA ALA A 340 -12.19 -6.24 -33.93
C ALA A 340 -11.14 -7.05 -33.18
N PHE A 341 -11.33 -7.26 -31.88
CA PHE A 341 -10.46 -8.08 -31.05
C PHE A 341 -11.33 -9.09 -30.32
N HIS A 342 -11.16 -10.37 -30.63
CA HIS A 342 -11.90 -11.40 -29.93
C HIS A 342 -11.37 -11.54 -28.51
N PRO A 343 -12.23 -11.55 -27.50
CA PRO A 343 -11.76 -11.71 -26.13
C PRO A 343 -11.34 -13.14 -25.85
N ILE A 344 -10.51 -13.29 -24.80
CA ILE A 344 -10.03 -14.61 -24.40
C ILE A 344 -11.19 -15.39 -23.78
N ARG A 345 -11.34 -16.65 -24.18
CA ARG A 345 -12.50 -17.43 -23.74
C ARG A 345 -12.37 -17.82 -22.27
N ASN A 346 -11.19 -18.24 -21.84
CA ASN A 346 -10.96 -18.62 -20.45
C ASN A 346 -9.93 -17.70 -19.81
N GLN A 347 -10.23 -16.40 -19.78
CA GLN A 347 -9.26 -15.41 -19.33
C GLN A 347 -8.82 -15.64 -17.89
N ASN A 348 -9.70 -16.17 -17.04
CA ASN A 348 -9.37 -16.35 -15.64
C ASN A 348 -8.22 -17.33 -15.44
N LEU A 349 -8.05 -18.29 -16.34
CA LEU A 349 -7.00 -19.28 -16.22
C LEU A 349 -5.61 -18.71 -16.45
N ALA A 350 -5.50 -17.48 -16.97
CA ALA A 350 -4.21 -16.90 -17.30
C ALA A 350 -3.35 -16.61 -16.08
N ALA A 351 -3.89 -16.74 -14.86
CA ALA A 351 -3.15 -16.45 -13.65
C ALA A 351 -3.57 -17.39 -12.52
N VAL A 352 -3.72 -18.68 -12.82
CA VAL A 352 -4.19 -19.61 -11.81
C VAL A 352 -3.77 -21.05 -12.13
N ASP A 353 -2.79 -21.21 -13.02
CA ASP A 353 -2.19 -22.52 -13.25
C ASP A 353 -0.79 -22.30 -13.83
N LEU A 354 0.01 -21.47 -13.15
CA LEU A 354 1.22 -20.89 -13.70
C LEU A 354 2.34 -21.89 -13.93
N TYR A 355 2.24 -23.11 -13.42
CA TYR A 355 3.38 -24.01 -13.38
C TYR A 355 3.16 -25.20 -14.31
N ARG A 356 4.27 -25.87 -14.63
CA ARG A 356 4.32 -26.85 -15.70
C ARG A 356 3.90 -28.23 -15.21
N TYR A 357 3.79 -29.16 -16.17
CA TYR A 357 3.53 -30.56 -15.90
C TYR A 357 4.51 -31.39 -16.71
N ASP A 358 4.73 -32.64 -16.28
CA ASP A 358 5.75 -33.49 -16.88
C ASP A 358 5.24 -34.85 -17.34
N GLU A 359 3.98 -35.20 -17.06
CA GLU A 359 3.40 -36.50 -17.43
C GLU A 359 4.08 -37.67 -16.72
N ALA A 360 5.41 -37.62 -16.61
CA ALA A 360 6.12 -38.62 -15.82
C ALA A 360 5.76 -38.53 -14.35
N TRP A 361 5.28 -37.38 -13.88
CA TRP A 361 4.83 -37.24 -12.51
C TRP A 361 3.57 -38.05 -12.24
N GLU A 362 2.79 -38.38 -13.25
CA GLU A 362 1.56 -39.16 -13.10
C GLU A 362 1.91 -40.63 -13.25
N LEU A 363 1.75 -41.39 -12.17
CA LEU A 363 2.15 -42.79 -12.13
C LEU A 363 0.93 -43.69 -12.05
N GLU A 364 1.08 -44.90 -12.61
CA GLU A 364 0.04 -45.90 -12.49
C GLU A 364 -0.12 -46.32 -11.03
N PRO A 365 -1.33 -46.74 -10.62
CA PRO A 365 -1.56 -47.01 -9.20
C PRO A 365 -0.65 -48.07 -8.61
N SER A 366 -0.42 -49.17 -9.34
CA SER A 366 0.45 -50.22 -8.81
C SER A 366 1.90 -49.76 -8.74
N SER A 367 2.32 -48.94 -9.70
CA SER A 367 3.70 -48.46 -9.70
C SER A 367 3.94 -47.48 -8.54
N ALA A 368 2.99 -46.58 -8.29
CA ALA A 368 3.18 -45.59 -7.24
C ALA A 368 3.16 -46.21 -5.86
N LEU A 369 2.17 -47.08 -5.60
CA LEU A 369 2.08 -47.72 -4.29
C LEU A 369 3.27 -48.64 -4.03
N SER A 370 3.88 -49.18 -5.08
CA SER A 370 5.06 -50.02 -4.90
C SER A 370 6.27 -49.16 -4.51
N HIS A 371 6.42 -47.98 -5.13
CA HIS A 371 7.50 -47.08 -4.76
C HIS A 371 7.36 -46.60 -3.32
N PHE A 372 6.13 -46.26 -2.92
CA PHE A 372 5.91 -45.77 -1.57
C PHE A 372 6.22 -46.84 -0.53
N THR A 373 5.93 -48.10 -0.83
CA THR A 373 6.18 -49.16 0.12
C THR A 373 7.62 -49.67 0.06
N SER A 374 8.27 -49.55 -1.10
CA SER A 374 9.68 -49.94 -1.20
C SER A 374 10.54 -49.03 -0.34
N SER A 375 10.37 -47.73 -0.47
CA SER A 375 11.11 -46.78 0.36
C SER A 375 10.53 -46.74 1.77
N THR A 376 11.36 -46.31 2.71
CA THR A 376 10.92 -46.17 4.09
C THR A 376 9.91 -45.04 4.21
N HIS A 377 8.83 -45.30 4.95
CA HIS A 377 7.74 -44.33 5.04
C HIS A 377 8.13 -43.09 5.83
N GLY A 378 9.08 -43.21 6.75
CA GLY A 378 9.41 -42.10 7.60
C GLY A 378 10.43 -41.13 7.04
N VAL A 379 11.42 -41.66 6.32
CA VAL A 379 12.60 -40.89 5.95
C VAL A 379 12.65 -40.58 4.46
N GLU A 380 12.21 -41.51 3.61
CA GLU A 380 12.45 -41.38 2.17
C GLU A 380 11.23 -40.95 1.36
N ALA A 381 10.03 -41.40 1.72
CA ALA A 381 8.86 -41.10 0.91
C ALA A 381 7.64 -40.95 1.81
N VAL A 382 6.71 -40.10 1.39
CA VAL A 382 5.45 -39.89 2.07
C VAL A 382 4.31 -39.92 1.05
N LEU A 383 3.12 -40.24 1.52
CA LEU A 383 1.92 -40.25 0.69
C LEU A 383 0.89 -39.31 1.31
N LEU A 384 0.39 -38.39 0.49
CA LEU A 384 -0.62 -37.44 0.93
C LEU A 384 -1.99 -37.83 0.36
N ASP A 385 -2.96 -37.99 1.25
CA ASP A 385 -4.32 -38.32 0.88
C ASP A 385 -5.18 -37.07 1.06
N LEU A 386 -5.73 -36.56 -0.04
CA LEU A 386 -6.43 -35.29 -0.05
C LEU A 386 -7.94 -35.44 0.11
N ARG A 387 -8.42 -36.60 0.56
CA ARG A 387 -9.84 -36.82 0.69
C ARG A 387 -10.38 -36.23 1.99
N LYS A 388 -11.69 -36.32 2.19
CA LYS A 388 -12.30 -35.85 3.42
C LYS A 388 -11.76 -36.64 4.60
N PRO A 389 -11.71 -36.03 5.79
CA PRO A 389 -11.17 -36.75 6.96
C PRO A 389 -11.96 -38.01 7.30
N GLU A 390 -13.28 -37.98 7.16
CA GLU A 390 -14.08 -39.16 7.51
C GLU A 390 -13.90 -40.27 6.50
N ASP A 391 -13.76 -39.93 5.21
CA ASP A 391 -13.43 -40.95 4.22
C ASP A 391 -12.04 -41.52 4.45
N PHE A 392 -11.10 -40.66 4.84
CA PHE A 392 -9.75 -41.13 5.17
C PHE A 392 -9.78 -42.10 6.35
N ILE A 393 -10.61 -41.80 7.35
CA ILE A 393 -10.73 -42.68 8.51
C ILE A 393 -11.33 -44.02 8.10
N MET A 394 -12.28 -44.00 7.17
CA MET A 394 -12.95 -45.23 6.76
C MET A 394 -11.98 -46.18 6.08
N SER A 395 -11.11 -45.66 5.21
CA SER A 395 -10.15 -46.48 4.48
C SER A 395 -9.07 -45.60 3.88
N HIS A 396 -7.81 -46.00 4.04
CA HIS A 396 -6.70 -45.26 3.48
C HIS A 396 -5.48 -46.18 3.43
N ILE A 397 -4.45 -45.73 2.73
CA ILE A 397 -3.19 -46.46 2.66
C ILE A 397 -2.43 -46.28 3.98
N PRO A 398 -2.03 -47.36 4.66
CA PRO A 398 -1.36 -47.21 5.94
C PRO A 398 -0.04 -46.45 5.81
N GLY A 399 0.15 -45.47 6.69
CA GLY A 399 1.34 -44.66 6.68
C GLY A 399 1.22 -43.34 5.93
N SER A 400 0.06 -43.04 5.37
CA SER A 400 -0.14 -41.82 4.62
C SER A 400 -0.72 -40.72 5.52
N TYR A 401 -0.48 -39.48 5.11
CA TYR A 401 -1.00 -38.32 5.84
C TYR A 401 -2.23 -37.78 5.11
N ASN A 402 -3.21 -37.32 5.89
CA ASN A 402 -4.45 -36.79 5.35
C ASN A 402 -4.40 -35.27 5.34
N LEU A 403 -4.47 -34.68 4.15
CA LEU A 403 -4.54 -33.23 3.97
C LEU A 403 -5.78 -32.93 3.13
N PRO A 404 -6.94 -32.76 3.76
CA PRO A 404 -8.17 -32.57 2.99
C PRO A 404 -8.22 -31.20 2.32
N LEU A 405 -8.93 -31.15 1.20
CA LEU A 405 -9.16 -29.92 0.46
C LEU A 405 -10.65 -29.73 0.27
N GLN A 406 -11.15 -28.55 0.65
CA GLN A 406 -12.58 -28.26 0.48
C GLN A 406 -12.97 -28.22 -0.99
N SER A 407 -12.01 -27.94 -1.88
CA SER A 407 -12.33 -27.75 -3.29
C SER A 407 -12.75 -29.06 -3.96
N SER A 408 -12.26 -30.19 -3.48
CA SER A 408 -12.47 -31.47 -4.13
C SER A 408 -13.43 -32.34 -3.34
N ASN A 409 -14.36 -32.99 -4.05
CA ASN A 409 -15.31 -33.92 -3.46
C ASN A 409 -15.38 -35.16 -4.34
N ALA A 410 -16.24 -36.11 -3.95
CA ALA A 410 -16.38 -37.33 -4.72
C ALA A 410 -17.09 -37.10 -6.05
N SER A 411 -17.96 -36.10 -6.10
CA SER A 411 -18.73 -35.79 -7.30
C SER A 411 -18.16 -34.62 -8.09
N THR A 412 -17.10 -33.99 -7.60
CA THR A 412 -16.52 -32.86 -8.30
C THR A 412 -15.92 -33.32 -9.63
N PRO A 413 -16.23 -32.67 -10.74
CA PRO A 413 -15.64 -33.07 -12.02
C PRO A 413 -14.17 -32.71 -12.08
N SER A 414 -13.54 -33.13 -13.17
CA SER A 414 -12.13 -32.84 -13.37
C SER A 414 -11.90 -31.34 -13.41
N PRO A 415 -10.85 -30.83 -12.75
CA PRO A 415 -10.57 -29.39 -12.84
C PRO A 415 -10.25 -28.92 -14.25
N PHE A 416 -9.77 -29.82 -15.10
CA PHE A 416 -9.46 -29.47 -16.48
C PHE A 416 -10.68 -29.54 -17.39
N THR A 417 -11.87 -29.75 -16.84
CA THR A 417 -13.12 -29.63 -17.57
C THR A 417 -13.96 -28.45 -17.15
N ASP A 418 -13.58 -27.77 -16.06
CA ASP A 418 -14.29 -26.60 -15.56
C ASP A 418 -13.26 -25.58 -15.11
N ALA A 419 -13.28 -24.39 -15.73
CA ALA A 419 -12.26 -23.38 -15.45
C ALA A 419 -12.32 -22.89 -14.02
N MET A 420 -13.52 -22.80 -13.44
CA MET A 420 -13.63 -22.33 -12.06
C MET A 420 -13.16 -23.38 -11.06
N VAL A 421 -13.37 -24.67 -11.36
CA VAL A 421 -12.89 -25.72 -10.47
C VAL A 421 -11.37 -25.73 -10.43
N LEU A 422 -10.74 -25.63 -11.60
CA LEU A 422 -9.28 -25.54 -11.65
C LEU A 422 -8.79 -24.29 -10.92
N GLU A 423 -9.52 -23.19 -11.04
CA GLU A 423 -9.12 -21.96 -10.36
C GLU A 423 -9.21 -22.12 -8.85
N LYS A 424 -10.31 -22.67 -8.35
CA LYS A 424 -10.47 -22.84 -6.91
C LYS A 424 -9.52 -23.90 -6.37
N GLN A 425 -9.37 -25.02 -7.08
CA GLN A 425 -8.49 -26.08 -6.60
C GLN A 425 -7.03 -25.66 -6.61
N TRP A 426 -6.60 -24.93 -7.64
CA TRP A 426 -5.21 -24.46 -7.68
C TRP A 426 -4.97 -23.39 -6.62
N LYS A 427 -5.98 -22.55 -6.34
CA LYS A 427 -5.83 -21.54 -5.30
C LYS A 427 -5.68 -22.18 -3.93
N GLU A 428 -6.57 -23.11 -3.59
CA GLU A 428 -6.48 -23.77 -2.29
C GLU A 428 -5.18 -24.59 -2.17
N LEU A 429 -4.79 -25.27 -3.25
CA LEU A 429 -3.54 -26.01 -3.23
C LEU A 429 -2.36 -25.09 -2.94
N GLU A 430 -2.33 -23.91 -3.57
CA GLU A 430 -1.29 -22.93 -3.26
C GLU A 430 -1.47 -22.39 -1.85
N ALA A 431 -2.72 -22.23 -1.40
CA ALA A 431 -2.97 -21.65 -0.08
C ALA A 431 -2.66 -22.63 1.03
N THR A 432 -2.85 -23.93 0.80
CA THR A 432 -2.59 -24.93 1.83
C THR A 432 -1.13 -25.36 1.88
N PHE A 433 -0.44 -25.40 0.75
CA PHE A 433 0.95 -25.84 0.71
C PHE A 433 1.91 -24.67 0.91
N THR A 434 1.76 -24.01 2.06
CA THR A 434 2.74 -23.05 2.50
C THR A 434 4.01 -23.77 2.94
N LEU A 435 5.10 -23.01 3.05
CA LEU A 435 6.35 -23.63 3.50
C LEU A 435 6.29 -24.06 4.96
N ASP A 436 5.36 -23.50 5.74
CA ASP A 436 5.13 -24.01 7.09
C ASP A 436 4.54 -25.42 7.05
N ARG A 437 3.55 -25.64 6.19
CA ARG A 437 2.96 -26.96 6.07
C ARG A 437 3.90 -27.95 5.40
N ILE A 438 4.74 -27.48 4.47
CA ILE A 438 5.72 -28.36 3.84
C ILE A 438 6.71 -28.86 4.88
N ASN A 439 7.17 -27.98 5.76
CA ASN A 439 8.09 -28.40 6.82
C ASN A 439 7.36 -29.20 7.91
N ALA A 440 6.09 -28.90 8.15
CA ALA A 440 5.34 -29.60 9.18
C ALA A 440 5.23 -31.10 8.85
N HIS A 441 5.06 -31.42 7.57
CA HIS A 441 5.05 -32.80 7.11
C HIS A 441 6.42 -33.27 6.66
N ASP A 442 7.44 -32.41 6.73
CA ASP A 442 8.81 -32.76 6.33
C ASP A 442 8.85 -33.26 4.89
N LEU A 443 8.09 -32.60 4.01
CA LEU A 443 8.04 -33.00 2.61
C LEU A 443 9.36 -32.75 1.87
N SER A 444 10.22 -31.89 2.40
CA SER A 444 11.44 -31.52 1.71
C SER A 444 12.38 -32.71 1.61
N GLY A 445 12.82 -32.99 0.39
CA GLY A 445 13.79 -34.06 0.15
C GLY A 445 13.20 -35.45 0.02
N LYS A 446 11.89 -35.60 0.06
CA LYS A 446 11.25 -36.89 -0.01
C LYS A 446 10.43 -37.02 -1.30
N ASP A 447 10.19 -38.26 -1.71
CA ASP A 447 9.28 -38.55 -2.80
C ASP A 447 7.85 -38.50 -2.28
N VAL A 448 7.05 -37.59 -2.83
CA VAL A 448 5.68 -37.35 -2.37
C VAL A 448 4.72 -37.94 -3.39
N TYR A 449 3.72 -38.66 -2.89
CA TYR A 449 2.71 -39.30 -3.72
C TYR A 449 1.34 -38.78 -3.32
N ILE A 450 0.55 -38.36 -4.31
CA ILE A 450 -0.69 -37.64 -4.09
C ILE A 450 -1.86 -38.52 -4.48
N LEU A 451 -2.76 -38.78 -3.52
CA LEU A 451 -3.97 -39.55 -3.74
C LEU A 451 -5.17 -38.65 -3.49
N CYS A 452 -6.17 -38.71 -4.37
CA CYS A 452 -7.30 -37.81 -4.31
C CYS A 452 -8.54 -38.55 -4.79
N TYR A 453 -9.70 -37.88 -4.69
CA TYR A 453 -10.93 -38.46 -5.23
C TYR A 453 -10.87 -38.55 -6.75
N ASN A 454 -10.35 -37.51 -7.40
CA ASN A 454 -10.46 -37.34 -8.84
C ASN A 454 -9.26 -37.85 -9.62
N GLY A 455 -8.05 -37.60 -9.13
CA GLY A 455 -6.83 -37.95 -9.84
C GLY A 455 -6.31 -36.85 -10.73
N ASP A 456 -7.19 -36.19 -11.47
CA ASP A 456 -6.80 -34.99 -12.19
C ASP A 456 -6.50 -33.85 -11.23
N THR A 457 -7.26 -33.75 -10.14
CA THR A 457 -6.92 -32.83 -9.06
C THR A 457 -5.56 -33.14 -8.48
N ALA A 458 -5.19 -34.42 -8.40
CA ALA A 458 -3.88 -34.80 -7.90
C ALA A 458 -2.76 -34.30 -8.80
N ARG A 459 -2.99 -34.25 -10.12
CA ARG A 459 -1.98 -33.71 -11.02
C ARG A 459 -1.74 -32.23 -10.77
N VAL A 460 -2.82 -31.48 -10.47
CA VAL A 460 -2.67 -30.07 -10.13
C VAL A 460 -1.83 -29.93 -8.86
N ALA A 461 -2.00 -30.86 -7.91
CA ALA A 461 -1.20 -30.83 -6.70
C ALA A 461 0.27 -31.06 -7.00
N THR A 462 0.56 -31.95 -7.96
CA THR A 462 1.96 -32.21 -8.33
C THR A 462 2.59 -30.99 -8.96
N SER A 463 1.86 -30.30 -9.84
CA SER A 463 2.38 -29.07 -10.44
C SER A 463 2.68 -28.02 -9.39
N VAL A 464 1.77 -27.84 -8.42
CA VAL A 464 1.98 -26.88 -7.35
C VAL A 464 3.18 -27.27 -6.51
N LEU A 465 3.29 -28.56 -6.17
CA LEU A 465 4.37 -28.99 -5.29
C LEU A 465 5.71 -29.03 -6.01
N ARG A 466 5.73 -29.41 -7.29
CA ARG A 466 6.99 -29.50 -8.02
C ARG A 466 7.64 -28.13 -8.19
N ALA A 467 6.84 -27.09 -8.42
CA ALA A 467 7.37 -25.75 -8.66
C ALA A 467 8.12 -25.20 -7.45
N LYS A 468 7.88 -25.74 -6.25
CA LYS A 468 8.53 -25.26 -5.04
C LYS A 468 9.80 -26.03 -4.71
N GLY A 469 10.07 -27.14 -5.38
CA GLY A 469 11.21 -27.98 -5.08
C GLY A 469 10.86 -29.34 -4.49
N ILE A 470 9.57 -29.67 -4.36
CA ILE A 470 9.15 -30.94 -3.80
C ILE A 470 8.96 -31.95 -4.94
N SER A 471 9.64 -33.09 -4.84
CA SER A 471 9.58 -34.13 -5.86
C SER A 471 8.30 -34.93 -5.66
N ALA A 472 7.20 -34.41 -6.20
CA ALA A 472 5.88 -34.98 -6.00
C ALA A 472 5.40 -35.73 -7.23
N SER A 473 4.55 -36.73 -7.00
CA SER A 473 3.97 -37.54 -8.06
C SER A 473 2.54 -37.88 -7.69
N SER A 474 1.70 -38.09 -8.71
CA SER A 474 0.29 -38.40 -8.50
C SER A 474 0.00 -39.83 -8.91
N VAL A 475 -1.03 -40.41 -8.29
CA VAL A 475 -1.49 -41.74 -8.65
C VAL A 475 -2.57 -41.59 -9.72
N LYS A 476 -2.35 -42.19 -10.88
CA LYS A 476 -3.33 -42.12 -11.95
C LYS A 476 -4.63 -42.76 -11.50
N GLY A 477 -5.74 -42.07 -11.76
CA GLY A 477 -7.02 -42.48 -11.21
C GLY A 477 -7.15 -42.07 -9.76
N GLY A 478 -8.37 -41.78 -9.32
CA GLY A 478 -8.61 -41.36 -7.95
C GLY A 478 -8.54 -42.51 -6.97
N ILE A 479 -9.34 -42.41 -5.91
CA ILE A 479 -9.47 -43.51 -4.97
C ILE A 479 -10.10 -44.73 -5.62
N ALA A 480 -10.76 -44.55 -6.78
CA ALA A 480 -11.41 -45.65 -7.46
C ALA A 480 -10.42 -46.65 -8.03
N ALA A 481 -9.25 -46.19 -8.46
CA ALA A 481 -8.27 -47.09 -9.05
C ALA A 481 -7.59 -47.99 -8.02
N VAL A 482 -7.60 -47.59 -6.75
CA VAL A 482 -6.97 -48.36 -5.69
C VAL A 482 -7.99 -49.00 -4.77
N ARG A 483 -9.27 -49.04 -5.18
CA ARG A 483 -10.29 -49.66 -4.35
C ARG A 483 -10.05 -51.16 -4.19
N LYS A 484 -9.43 -51.79 -5.18
CA LYS A 484 -9.13 -53.21 -5.10
C LYS A 484 -8.03 -53.52 -4.09
N ASP A 485 -7.26 -52.52 -3.69
CA ASP A 485 -6.15 -52.71 -2.76
C ASP A 485 -6.52 -52.40 -1.31
N LEU A 486 -7.77 -52.00 -1.05
CA LEU A 486 -8.19 -51.58 0.28
C LEU A 486 -9.29 -52.49 0.81
N PRO A 487 -8.96 -53.46 1.67
CA PRO A 487 -10.00 -54.38 2.15
C PRO A 487 -11.09 -53.70 2.98
N GLN A 488 -10.73 -52.72 3.80
CA GLN A 488 -11.74 -52.03 4.61
C GLN A 488 -12.78 -51.36 3.74
N MET A 489 -12.34 -50.70 2.66
CA MET A 489 -13.29 -50.06 1.75
C MET A 489 -14.20 -51.08 1.07
N GLN A 490 -13.63 -52.24 0.70
CA GLN A 490 -14.43 -53.27 0.04
C GLN A 490 -15.49 -53.85 0.98
N MET A 491 -15.16 -53.99 2.27
CA MET A 491 -16.07 -54.58 3.23
C MET A 491 -17.17 -53.62 3.67
N ALA A 492 -17.06 -52.33 3.36
CA ALA A 492 -18.09 -51.36 3.68
C ALA A 492 -19.11 -51.20 2.55
N GLU A 493 -19.21 -52.19 1.67
CA GLU A 493 -20.14 -52.11 0.53
C GLU A 493 -21.17 -53.23 0.60
N ARG B 10 -4.31 10.58 64.75
CA ARG B 10 -4.23 10.95 63.35
C ARG B 10 -3.65 12.35 63.18
N ASN B 11 -3.07 12.60 62.00
CA ASN B 11 -2.48 13.90 61.69
C ASN B 11 -3.61 14.89 61.44
N LEU B 12 -3.89 15.75 62.43
CA LEU B 12 -4.99 16.70 62.29
C LEU B 12 -4.72 17.72 61.19
N LEU B 13 -3.47 18.17 61.08
CA LEU B 13 -3.12 19.19 60.09
C LEU B 13 -2.85 18.61 58.71
N ASN B 14 -2.80 17.29 58.59
CA ASN B 14 -2.45 16.62 57.33
C ASN B 14 -1.09 17.11 56.82
N ALA B 15 -0.19 17.37 57.75
CA ALA B 15 1.16 17.82 57.47
C ALA B 15 2.15 16.80 58.03
N TYR B 16 3.11 16.39 57.21
CA TYR B 16 4.01 15.30 57.54
C TYR B 16 5.45 15.76 57.33
N ALA B 17 6.22 15.81 58.42
CA ALA B 17 7.61 16.26 58.38
C ALA B 17 8.47 15.26 59.13
N GLY B 18 9.79 15.38 58.94
CA GLY B 18 10.73 14.49 59.57
C GLY B 18 11.26 13.45 58.62
N PRO B 19 12.15 12.58 59.12
CA PRO B 19 12.72 11.54 58.25
C PRO B 19 11.72 10.49 57.80
N ASN B 20 10.59 10.37 58.48
CA ASN B 20 9.58 9.36 58.16
C ASN B 20 8.28 9.99 57.64
N ALA B 21 8.39 11.14 56.97
CA ALA B 21 7.20 11.83 56.49
C ALA B 21 6.42 10.98 55.49
N LEU B 22 7.11 10.34 54.55
CA LEU B 22 6.44 9.50 53.57
C LEU B 22 5.79 8.28 54.23
N ARG B 23 6.47 7.69 55.21
CA ARG B 23 5.91 6.55 55.92
C ARG B 23 4.59 6.92 56.59
N ASP B 24 4.58 8.02 57.36
CA ASP B 24 3.34 8.46 57.99
C ASP B 24 2.31 8.92 56.99
N TYR B 25 2.75 9.44 55.84
CA TYR B 25 1.81 9.90 54.82
C TYR B 25 1.01 8.74 54.23
N PHE B 26 1.67 7.60 54.02
CA PHE B 26 0.98 6.41 53.52
C PHE B 26 0.31 5.60 54.62
N ASP B 27 0.59 5.90 55.87
CA ASP B 27 0.04 5.14 56.99
C ASP B 27 -1.48 5.38 57.10
N PRO B 28 -2.31 4.35 56.96
CA PRO B 28 -3.76 4.57 57.07
C PRO B 28 -4.20 5.03 58.44
N ASP B 29 -3.51 4.62 59.50
CA ASP B 29 -3.86 5.06 60.84
C ASP B 29 -3.43 6.49 61.12
N CYS B 30 -2.34 6.94 60.47
CA CYS B 30 -1.82 8.28 60.70
C CYS B 30 -2.51 9.32 59.81
N GLN B 31 -2.80 8.97 58.57
CA GLN B 31 -3.47 9.89 57.66
C GLN B 31 -4.94 10.02 58.03
N PRO B 32 -5.61 11.06 57.53
CA PRO B 32 -7.06 11.13 57.69
C PRO B 32 -7.74 9.94 57.03
N MET B 33 -8.90 9.56 57.56
CA MET B 33 -9.62 8.41 57.04
C MET B 33 -9.97 8.62 55.56
N ILE B 34 -9.96 7.51 54.82
CA ILE B 34 -10.27 7.57 53.39
C ILE B 34 -11.68 8.15 53.21
N PRO B 35 -11.87 9.12 52.31
CA PRO B 35 -13.17 9.80 52.22
C PRO B 35 -14.30 8.84 51.89
N LEU B 36 -15.43 9.05 52.57
CA LEU B 36 -16.68 8.36 52.28
C LEU B 36 -17.72 9.41 51.91
N VAL B 37 -18.16 9.40 50.65
CA VAL B 37 -19.01 10.45 50.11
C VAL B 37 -20.30 9.82 49.59
N GLU B 38 -21.43 10.36 50.01
CA GLU B 38 -22.72 9.95 49.47
C GLU B 38 -22.87 10.44 48.03
N ILE B 39 -23.31 9.56 47.14
CA ILE B 39 -23.45 9.90 45.73
C ILE B 39 -24.68 10.79 45.56
N PRO B 40 -24.74 11.63 44.52
CA PRO B 40 -25.90 12.50 44.34
C PRO B 40 -27.17 11.72 44.08
N GLN B 41 -28.30 12.40 44.32
CA GLN B 41 -29.60 11.77 44.13
C GLN B 41 -29.87 11.44 42.66
N SER B 42 -29.36 12.26 41.75
CA SER B 42 -29.59 12.04 40.32
C SER B 42 -28.97 10.73 39.84
N LEU B 43 -27.98 10.20 40.55
CA LEU B 43 -27.34 8.94 40.19
C LEU B 43 -27.88 7.75 40.98
N ASN B 44 -28.75 8.00 41.97
CA ASN B 44 -29.31 6.96 42.81
C ASN B 44 -30.76 6.71 42.40
N PRO B 45 -31.05 5.67 41.62
CA PRO B 45 -32.43 5.39 41.22
C PRO B 45 -33.30 4.86 42.34
N PHE B 46 -32.75 4.61 43.52
CA PHE B 46 -33.50 4.13 44.68
C PHE B 46 -33.57 5.17 45.79
N TYR B 47 -33.33 6.44 45.46
CA TYR B 47 -33.33 7.49 46.49
C TYR B 47 -34.71 7.66 47.11
N GLU B 48 -35.76 7.65 46.28
CA GLU B 48 -37.12 7.80 46.79
C GLU B 48 -37.54 6.61 47.64
N ASP B 49 -36.93 5.44 47.44
CA ASP B 49 -37.19 4.27 48.27
C ASP B 49 -36.47 4.31 49.60
N GLY B 50 -35.79 5.42 49.92
CA GLY B 50 -35.06 5.51 51.16
C GLY B 50 -33.73 4.81 51.17
N VAL B 51 -33.01 4.81 50.04
CA VAL B 51 -31.70 4.18 49.94
C VAL B 51 -30.67 5.29 49.78
N ARG B 52 -29.64 5.25 50.62
CA ARG B 52 -28.53 6.19 50.58
C ARG B 52 -27.25 5.41 50.29
N ILE B 53 -26.56 5.79 49.22
CA ILE B 53 -25.37 5.08 48.77
C ILE B 53 -24.16 5.99 48.98
N HIS B 54 -23.17 5.48 49.70
CA HIS B 54 -21.96 6.22 50.02
C HIS B 54 -20.76 5.55 49.37
N ALA B 55 -19.89 6.35 48.77
CA ALA B 55 -18.74 5.85 48.03
C ALA B 55 -17.47 5.97 48.87
N LYS B 56 -16.83 4.84 49.13
CA LYS B 56 -15.54 4.81 49.83
C LYS B 56 -14.45 4.98 48.79
N MET B 57 -13.86 6.18 48.73
CA MET B 57 -12.96 6.57 47.64
C MET B 57 -11.53 6.13 47.97
N MET B 58 -11.32 4.81 47.92
CA MET B 58 -9.98 4.27 48.11
C MET B 58 -8.99 4.83 47.11
N SER B 59 -9.48 5.37 45.98
CA SER B 59 -8.62 6.06 45.04
C SER B 59 -8.00 7.33 45.63
N MET B 60 -8.54 7.82 46.74
CA MET B 60 -8.04 9.04 47.37
C MET B 60 -6.89 8.79 48.35
N HIS B 61 -6.43 7.54 48.47
CA HIS B 61 -5.18 7.30 49.15
C HIS B 61 -4.03 7.84 48.28
N PRO B 62 -2.95 8.32 48.89
CA PRO B 62 -1.82 8.86 48.10
C PRO B 62 -1.32 7.91 47.02
N SER B 63 -1.47 6.60 47.20
CA SER B 63 -1.09 5.63 46.17
C SER B 63 -2.13 5.49 45.07
N ASN B 64 -3.32 6.05 45.26
CA ASN B 64 -4.41 6.12 44.28
C ASN B 64 -5.05 4.77 43.96
N ASN B 65 -4.81 3.73 44.76
CA ASN B 65 -5.47 2.47 44.51
C ASN B 65 -5.69 1.72 45.82
N VAL B 66 -6.72 0.86 45.82
CA VAL B 66 -7.14 0.13 46.99
C VAL B 66 -6.10 -0.89 47.45
N ILE B 68 -3.13 -0.62 48.28
CA ILE B 68 -2.10 -0.18 49.22
C ILE B 68 -2.32 -0.83 50.58
N MET B 69 -3.56 -1.20 50.90
CA MET B 69 -3.81 -1.86 52.19
C MET B 69 -3.24 -3.26 52.21
N PRO B 70 -3.54 -4.15 51.24
CA PRO B 70 -2.82 -5.44 51.23
C PRO B 70 -1.33 -5.28 51.10
N ALA B 71 -0.86 -4.34 50.27
CA ALA B 71 0.57 -4.15 50.07
C ALA B 71 1.26 -3.75 51.37
N LEU B 72 0.68 -2.80 52.10
CA LEU B 72 1.25 -2.40 53.38
C LEU B 72 1.28 -3.56 54.36
N ASN B 73 0.17 -4.28 54.47
CA ASN B 73 0.07 -5.34 55.49
C ASN B 73 0.92 -6.54 55.11
N MET B 74 0.91 -6.94 53.84
CA MET B 74 1.68 -8.11 53.44
C MET B 74 3.18 -7.87 53.52
N LEU B 75 3.63 -6.68 53.11
CA LEU B 75 5.06 -6.39 53.14
C LEU B 75 5.57 -6.30 54.58
N THR B 76 4.80 -5.65 55.46
CA THR B 76 5.18 -5.61 56.87
C THR B 76 5.30 -7.01 57.46
N LYS B 77 4.39 -7.91 57.07
CA LYS B 77 4.40 -9.26 57.63
C LYS B 77 5.47 -10.13 57.00
N GLU B 78 5.61 -10.08 55.67
CA GLU B 78 6.42 -11.07 54.95
C GLU B 78 7.87 -10.66 54.76
N VAL B 79 8.18 -9.36 54.71
CA VAL B 79 9.55 -8.96 54.44
C VAL B 79 10.43 -9.32 55.63
N GLN B 80 11.68 -9.65 55.35
CA GLN B 80 12.66 -9.97 56.38
C GLN B 80 13.80 -8.95 56.29
N PRO B 81 14.09 -8.23 57.36
CA PRO B 81 15.14 -7.22 57.30
C PRO B 81 16.49 -7.84 56.96
N GLU B 82 17.20 -7.18 56.02
CA GLU B 82 18.53 -7.58 55.57
C GLU B 82 18.52 -8.93 54.87
N LYS B 83 17.34 -9.52 54.68
CA LYS B 83 17.22 -10.81 54.02
C LYS B 83 16.40 -10.75 52.73
N SER B 84 15.70 -9.65 52.46
CA SER B 84 14.88 -9.52 51.26
C SER B 84 15.44 -8.38 50.42
N LYS B 85 15.86 -8.71 49.19
CA LYS B 85 16.39 -7.72 48.26
C LYS B 85 15.54 -7.54 47.01
N THR B 86 14.61 -8.45 46.72
CA THR B 86 13.81 -8.40 45.52
C THR B 86 12.38 -8.80 45.84
N VAL B 87 11.42 -8.08 45.26
CA VAL B 87 10.00 -8.36 45.43
C VAL B 87 9.42 -8.70 44.06
N ILE B 88 8.75 -9.85 43.97
CA ILE B 88 8.13 -10.31 42.73
C ILE B 88 6.66 -10.59 43.01
N GLU B 89 5.80 -10.21 42.07
CA GLU B 89 4.36 -10.38 42.25
C GLU B 89 3.68 -10.33 40.89
N TYR B 90 2.70 -11.21 40.70
CA TYR B 90 1.80 -11.13 39.56
C TYR B 90 0.59 -10.29 39.95
N SER B 91 0.21 -9.37 39.08
CA SER B 91 -0.90 -8.47 39.38
C SER B 91 -1.50 -7.95 38.08
N SER B 92 -2.70 -7.39 38.20
CA SER B 92 -3.35 -6.69 37.10
C SER B 92 -2.94 -5.24 37.02
N GLY B 93 -2.03 -4.78 37.87
CA GLY B 93 -1.53 -3.42 37.80
C GLY B 93 -1.49 -2.70 39.13
N SER B 94 -2.61 -2.68 39.85
CA SER B 94 -2.71 -1.87 41.06
C SER B 94 -1.80 -2.39 42.17
N THR B 95 -1.77 -3.71 42.39
CA THR B 95 -1.00 -4.25 43.49
C THR B 95 0.49 -3.99 43.32
N VAL B 96 1.01 -4.21 42.11
CA VAL B 96 2.45 -4.07 41.90
C VAL B 96 2.89 -2.61 41.95
N ILE B 97 1.98 -1.67 41.66
CA ILE B 97 2.30 -0.27 41.88
C ILE B 97 2.41 0.02 43.38
N SER B 98 1.43 -0.44 44.16
CA SER B 98 1.46 -0.23 45.60
C SER B 98 2.64 -0.94 46.24
N LEU B 99 2.99 -2.13 45.74
CA LEU B 99 4.17 -2.82 46.26
C LEU B 99 5.44 -2.06 45.95
N ALA B 100 5.53 -1.47 44.75
CA ALA B 100 6.72 -0.74 44.36
C ALA B 100 6.97 0.45 45.29
N LEU B 101 5.90 1.13 45.69
CA LEU B 101 6.05 2.31 46.53
C LEU B 101 6.35 1.94 47.98
N VAL B 102 5.62 0.96 48.52
CA VAL B 102 5.82 0.58 49.92
C VAL B 102 7.18 -0.07 50.11
N SER B 103 7.65 -0.85 49.12
CA SER B 103 8.95 -1.49 49.25
C SER B 103 10.06 -0.46 49.38
N ARG B 104 9.93 0.69 48.73
CA ARG B 104 10.95 1.72 48.86
C ARG B 104 10.74 2.59 50.09
N ILE B 105 9.48 2.93 50.39
CA ILE B 105 9.21 3.84 51.51
C ILE B 105 9.47 3.14 52.84
N ASN B 106 8.96 1.92 53.01
CA ASN B 106 9.02 1.25 54.29
C ASN B 106 10.16 0.24 54.41
N HIS B 107 10.68 -0.28 53.30
CA HIS B 107 11.66 -1.34 53.35
C HIS B 107 12.92 -1.07 52.55
N GLY B 108 13.03 0.07 51.89
CA GLY B 108 14.25 0.40 51.16
C GLY B 108 14.60 -0.59 50.07
N ILE B 109 13.61 -1.17 49.41
CA ILE B 109 13.82 -2.15 48.35
C ILE B 109 13.42 -1.50 47.03
N ASN B 110 14.37 -1.40 46.11
CA ASN B 110 14.13 -0.79 44.81
C ASN B 110 14.00 -1.80 43.68
N ASP B 111 14.21 -3.09 43.95
CA ASP B 111 14.12 -4.13 42.94
C ASP B 111 12.76 -4.80 43.07
N VAL B 112 11.80 -4.33 42.28
CA VAL B 112 10.44 -4.86 42.27
C VAL B 112 10.15 -5.34 40.85
N ARG B 113 9.88 -6.63 40.70
CA ARG B 113 9.62 -7.24 39.40
C ARG B 113 8.13 -7.51 39.24
N ALA B 114 7.58 -7.11 38.10
CA ALA B 114 6.15 -7.15 37.84
C ALA B 114 5.83 -8.21 36.80
N PHE B 115 4.93 -9.12 37.13
CA PHE B 115 4.43 -10.12 36.20
C PHE B 115 3.02 -9.74 35.78
N LEU B 116 2.81 -9.50 34.49
CA LEU B 116 1.52 -9.12 33.98
C LEU B 116 1.21 -9.90 32.71
N SER B 117 -0.09 -9.98 32.39
CA SER B 117 -0.53 -10.62 31.16
C SER B 117 -0.06 -9.84 29.95
N ASN B 118 0.18 -10.56 28.86
CA ASN B 118 0.59 -9.92 27.61
C ASN B 118 -0.55 -9.14 26.97
N LYS B 119 -1.79 -9.42 27.36
CA LYS B 119 -2.96 -8.78 26.78
C LYS B 119 -3.39 -7.51 27.52
N THR B 120 -2.64 -7.09 28.53
CA THR B 120 -2.94 -5.84 29.21
C THR B 120 -2.61 -4.66 28.30
N SER B 121 -3.42 -3.60 28.39
CA SER B 121 -3.33 -2.51 27.44
C SER B 121 -1.98 -1.81 27.53
N ALA B 122 -1.57 -1.22 26.41
CA ALA B 122 -0.28 -0.52 26.36
C ALA B 122 -0.21 0.66 27.32
N PRO B 123 -1.24 1.50 27.49
CA PRO B 123 -1.15 2.54 28.54
C PRO B 123 -0.97 1.96 29.92
N LYS B 124 -1.68 0.87 30.24
CA LYS B 124 -1.47 0.20 31.51
C LYS B 124 -0.04 -0.32 31.64
N LEU B 125 0.53 -0.78 30.53
CA LEU B 125 1.91 -1.26 30.55
C LEU B 125 2.90 -0.12 30.73
N ARG B 126 2.68 1.00 30.03
CA ARG B 126 3.57 2.14 30.19
C ARG B 126 3.52 2.71 31.60
N LEU B 127 2.36 2.60 32.27
CA LEU B 127 2.26 3.06 33.65
C LEU B 127 3.11 2.20 34.59
N MET B 128 3.23 0.90 34.29
CA MET B 128 4.09 0.04 35.11
C MET B 128 5.54 0.47 35.02
N GLN B 129 6.03 0.68 33.79
CA GLN B 129 7.40 1.19 33.63
C GLN B 129 7.57 2.56 34.26
N PHE B 130 6.52 3.38 34.25
CA PHE B 130 6.62 4.72 34.83
C PHE B 130 6.97 4.66 36.31
N PHE B 131 6.37 3.74 37.05
CA PHE B 131 6.63 3.62 38.48
C PHE B 131 7.90 2.82 38.79
N GLY B 132 8.76 2.60 37.79
CA GLY B 132 10.03 1.94 38.03
C GLY B 132 9.96 0.42 38.13
N LEU B 133 8.95 -0.20 37.54
CA LEU B 133 8.77 -1.63 37.65
C LEU B 133 9.49 -2.37 36.53
N ASP B 134 9.92 -3.58 36.83
CA ASP B 134 10.52 -4.49 35.85
C ASP B 134 9.43 -5.46 35.42
N VAL B 135 8.90 -5.27 34.21
CA VAL B 135 7.71 -5.97 33.75
C VAL B 135 8.12 -7.19 32.92
N THR B 136 7.50 -8.32 33.21
CA THR B 136 7.60 -9.52 32.39
C THR B 136 6.20 -9.92 31.93
N LEU B 137 6.04 -10.09 30.62
CA LEU B 137 4.76 -10.48 30.07
C LEU B 137 4.59 -11.99 30.10
N PHE B 138 3.35 -12.44 30.30
CA PHE B 138 3.01 -13.85 30.37
C PHE B 138 1.85 -14.14 29.43
N GLY B 139 2.01 -15.16 28.60
CA GLY B 139 0.95 -15.59 27.72
C GLY B 139 -0.09 -16.42 28.43
N GLY B 140 -1.06 -16.91 27.66
CA GLY B 140 -2.12 -17.70 28.20
C GLY B 140 -3.22 -16.85 28.81
N PRO B 141 -3.89 -17.37 29.84
CA PRO B 141 -5.00 -16.64 30.44
C PRO B 141 -4.54 -15.32 31.05
N SER B 142 -5.28 -14.25 30.77
CA SER B 142 -4.99 -12.96 31.36
C SER B 142 -5.22 -12.95 32.86
N GLN B 143 -6.09 -13.84 33.35
CA GLN B 143 -6.35 -14.00 34.77
C GLN B 143 -6.15 -15.48 35.10
N PRO B 144 -4.91 -15.91 35.27
CA PRO B 144 -4.66 -17.34 35.52
C PRO B 144 -5.00 -17.72 36.95
N ALA B 145 -5.38 -18.98 37.13
CA ALA B 145 -5.63 -19.50 38.45
C ALA B 145 -4.31 -19.57 39.23
N PRO B 146 -4.36 -19.36 40.55
CA PRO B 146 -3.12 -19.41 41.34
C PRO B 146 -2.41 -20.75 41.27
N ASN B 147 -3.12 -21.83 40.97
CA ASN B 147 -2.52 -23.16 40.86
C ASN B 147 -2.16 -23.53 39.43
N ASP B 148 -2.45 -22.66 38.45
CA ASP B 148 -2.03 -22.90 37.08
C ASP B 148 -0.52 -22.78 36.99
N GLU B 149 0.16 -23.92 36.79
CA GLU B 149 1.62 -23.94 36.75
C GLU B 149 2.19 -23.14 35.58
N ARG B 150 1.36 -22.77 34.61
CA ARG B 150 1.79 -21.96 33.48
C ARG B 150 1.50 -20.47 33.68
N GLY B 151 0.81 -20.11 34.77
CA GLY B 151 0.49 -18.72 35.02
C GLY B 151 1.52 -18.02 35.88
N GLY B 152 1.47 -16.68 35.85
CA GLY B 152 2.46 -15.89 36.56
C GLY B 152 2.36 -16.00 38.07
N ILE B 153 1.17 -16.32 38.59
CA ILE B 153 1.00 -16.46 40.04
C ILE B 153 1.84 -17.63 40.56
N TYR B 154 1.73 -18.79 39.90
CA TYR B 154 2.51 -19.95 40.29
C TYR B 154 3.99 -19.72 40.08
N ARG B 155 4.36 -19.10 38.95
CA ARG B 155 5.77 -18.86 38.65
C ARG B 155 6.40 -17.91 39.66
N ALA B 156 5.67 -16.86 40.07
CA ALA B 156 6.21 -15.93 41.05
C ALA B 156 6.42 -16.61 42.40
N ARG B 157 5.48 -17.45 42.82
CA ARG B 157 5.62 -18.16 44.08
C ARG B 157 6.76 -19.18 44.03
N MET B 158 7.00 -19.79 42.87
CA MET B 158 8.08 -20.75 42.75
C MET B 158 9.44 -20.07 42.68
N MET B 159 9.52 -18.91 42.03
CA MET B 159 10.77 -18.16 42.01
C MET B 159 11.14 -17.62 43.38
N ALA B 160 10.17 -17.50 44.29
CA ALA B 160 10.45 -17.00 45.63
C ALA B 160 10.98 -18.08 46.57
N ARG B 161 10.67 -19.34 46.30
CA ARG B 161 11.19 -20.41 47.15
C ARG B 161 12.70 -20.55 47.00
N GLU B 162 13.21 -20.35 45.79
CA GLU B 162 14.64 -20.27 45.55
C GLU B 162 15.09 -18.82 45.66
N ASP B 163 16.40 -18.64 45.89
CA ASP B 163 16.98 -17.32 46.11
C ASP B 163 16.23 -16.60 47.21
N GLU B 164 16.53 -16.94 48.47
CA GLU B 164 15.73 -16.50 49.60
C GLU B 164 15.58 -15.00 49.69
N ALA B 165 16.42 -14.23 48.98
CA ALA B 165 16.23 -12.78 48.93
C ALA B 165 14.98 -12.41 48.14
N ILE B 166 14.56 -13.26 47.21
CA ILE B 166 13.34 -12.99 46.44
C ILE B 166 12.14 -13.23 47.33
N LEU B 167 11.24 -12.25 47.38
CA LEU B 167 10.03 -12.32 48.18
C LEU B 167 8.81 -12.19 47.26
N ASN B 168 7.88 -13.13 47.39
CA ASN B 168 6.60 -13.08 46.70
C ASN B 168 5.51 -13.14 47.76
N VAL B 169 4.92 -11.98 48.08
CA VAL B 169 3.90 -11.93 49.11
C VAL B 169 2.63 -12.68 48.68
N ASP B 170 2.43 -12.84 47.37
CA ASP B 170 1.33 -13.64 46.83
C ASP B 170 -0.03 -13.14 47.31
N GLN B 171 -0.51 -12.05 46.71
CA GLN B 171 -1.77 -11.45 47.13
C GLN B 171 -2.96 -12.39 46.98
N TYR B 172 -2.85 -13.40 46.12
CA TYR B 172 -3.98 -14.27 45.82
C TYR B 172 -4.23 -15.31 46.90
N GLU B 173 -3.26 -15.57 47.78
CA GLU B 173 -3.46 -16.56 48.83
C GLU B 173 -2.77 -16.21 50.14
N ASN B 174 -2.41 -14.94 50.35
CA ASN B 174 -1.85 -14.47 51.61
C ASN B 174 -2.96 -13.88 52.45
N ASP B 175 -3.13 -14.41 53.67
CA ASP B 175 -4.21 -13.94 54.54
C ASP B 175 -4.05 -12.47 54.91
N ALA B 176 -2.81 -11.97 54.90
CA ALA B 176 -2.58 -10.56 55.22
C ALA B 176 -3.27 -9.63 54.23
N ASN B 177 -3.69 -10.14 53.07
CA ASN B 177 -4.45 -9.36 52.10
C ASN B 177 -5.79 -8.93 52.71
N TRP B 178 -6.68 -9.90 52.92
CA TRP B 178 -8.01 -9.57 53.42
C TRP B 178 -7.97 -9.05 54.86
N GLN B 179 -6.95 -9.45 55.63
CA GLN B 179 -6.81 -8.95 56.99
C GLN B 179 -6.50 -7.46 57.03
N SER B 180 -5.93 -6.91 55.96
CA SER B 180 -5.66 -5.47 55.92
C SER B 180 -6.94 -4.66 55.95
N HIS B 181 -7.98 -5.16 55.27
CA HIS B 181 -9.27 -4.47 55.28
C HIS B 181 -10.04 -4.69 56.58
N VAL B 182 -9.77 -5.78 57.30
CA VAL B 182 -10.29 -5.92 58.65
C VAL B 182 -9.63 -4.91 59.57
N LYS B 183 -8.38 -4.55 59.30
CA LYS B 183 -7.64 -3.65 60.17
C LYS B 183 -7.95 -2.18 59.89
N TRP B 184 -8.11 -1.82 58.62
CA TRP B 184 -8.25 -0.41 58.23
C TRP B 184 -9.57 -0.12 57.54
N THR B 185 -9.82 -0.71 56.36
CA THR B 185 -10.95 -0.30 55.54
C THR B 185 -12.28 -0.49 56.27
N GLY B 186 -12.45 -1.63 56.93
CA GLY B 186 -13.64 -1.88 57.72
C GLY B 186 -13.84 -0.88 58.84
N PRO B 187 -12.88 -0.83 59.78
CA PRO B 187 -13.04 0.07 60.94
C PRO B 187 -13.15 1.55 60.59
N GLN B 188 -12.93 1.93 59.33
CA GLN B 188 -13.17 3.30 58.92
C GLN B 188 -14.61 3.52 58.47
N ILE B 189 -15.14 2.61 57.65
CA ILE B 189 -16.49 2.76 57.14
C ILE B 189 -17.51 2.67 58.28
N HIS B 190 -17.26 1.78 59.25
CA HIS B 190 -18.20 1.62 60.35
C HIS B 190 -18.27 2.90 61.19
N GLU B 191 -17.14 3.56 61.41
CA GLU B 191 -17.14 4.81 62.16
C GLU B 191 -17.65 5.96 61.31
N GLN B 192 -17.32 5.97 60.01
CA GLN B 192 -17.81 7.02 59.13
C GLN B 192 -19.31 6.90 58.87
N LEU B 193 -19.84 5.67 58.89
CA LEU B 193 -21.25 5.41 58.65
C LEU B 193 -21.75 4.44 59.71
N PRO B 194 -22.06 4.93 60.92
CA PRO B 194 -22.52 4.03 61.98
C PRO B 194 -23.83 3.33 61.65
N SER B 195 -24.67 3.93 60.81
CA SER B 195 -25.95 3.37 60.44
C SER B 195 -25.88 2.52 59.17
N ILE B 196 -24.70 2.00 58.84
CA ILE B 196 -24.54 1.24 57.60
C ILE B 196 -25.40 -0.01 57.66
N ARG B 197 -26.14 -0.26 56.58
CA ARG B 197 -26.97 -1.45 56.46
C ARG B 197 -26.47 -2.43 55.43
N LEU B 198 -25.58 -2.02 54.52
CA LEU B 198 -25.10 -2.89 53.46
C LEU B 198 -23.72 -2.42 53.03
N ILE B 199 -22.80 -3.37 52.88
CA ILE B 199 -21.46 -3.10 52.36
C ILE B 199 -21.31 -3.87 51.05
N CYS B 200 -20.69 -3.23 50.05
CA CYS B 200 -20.58 -3.79 48.72
C CYS B 200 -19.15 -3.61 48.21
N ALA B 201 -18.60 -4.67 47.61
CA ALA B 201 -17.25 -4.61 47.06
C ALA B 201 -17.10 -5.68 45.99
N GLY B 202 -16.48 -5.29 44.88
CA GLY B 202 -16.12 -6.27 43.86
C GLY B 202 -14.98 -7.14 44.32
N MET B 203 -14.93 -8.35 43.79
CA MET B 203 -13.99 -9.38 44.22
C MET B 203 -12.99 -9.67 43.10
N GLY B 204 -11.75 -9.22 43.29
CA GLY B 204 -10.65 -9.63 42.43
C GLY B 204 -9.89 -10.78 43.06
N THR B 205 -8.98 -10.47 43.98
CA THR B 205 -8.43 -11.49 44.86
C THR B 205 -9.41 -11.86 45.97
N SER B 206 -10.54 -11.16 46.05
CA SER B 206 -11.56 -11.25 47.10
C SER B 206 -11.06 -10.71 48.44
N GLY B 207 -9.86 -10.12 48.47
CA GLY B 207 -9.33 -9.63 49.73
C GLY B 207 -10.14 -8.48 50.29
N THR B 208 -10.60 -7.57 49.44
CA THR B 208 -11.39 -6.44 49.92
C THR B 208 -12.72 -6.91 50.49
N MET B 209 -13.43 -7.76 49.75
CA MET B 209 -14.76 -8.20 50.20
C MET B 209 -14.64 -9.13 51.41
N THR B 210 -13.64 -10.01 51.42
CA THR B 210 -13.46 -10.90 52.57
C THR B 210 -13.11 -10.11 53.82
N GLY B 211 -12.25 -9.09 53.69
CA GLY B 211 -11.93 -8.26 54.82
C GLY B 211 -13.13 -7.50 55.35
N LEU B 212 -13.90 -6.89 54.44
CA LEU B 212 -15.11 -6.19 54.86
C LEU B 212 -16.16 -7.16 55.38
N GLY B 213 -16.28 -8.33 54.76
CA GLY B 213 -17.29 -9.28 55.20
C GLY B 213 -16.98 -9.91 56.55
N GLN B 214 -15.70 -10.22 56.78
CA GLN B 214 -15.33 -10.81 58.07
C GLN B 214 -15.42 -9.80 59.19
N TYR B 215 -15.12 -8.53 58.91
CA TYR B 215 -15.23 -7.50 59.93
C TYR B 215 -16.68 -7.26 60.32
N PHE B 216 -17.54 -7.02 59.33
CA PHE B 216 -18.96 -6.78 59.64
C PHE B 216 -19.68 -8.03 60.10
N LYS B 217 -19.08 -9.22 59.91
CA LYS B 217 -19.66 -10.44 60.46
C LYS B 217 -19.78 -10.35 61.98
N THR B 218 -18.79 -9.76 62.64
CA THR B 218 -18.79 -9.57 64.08
C THR B 218 -19.27 -8.18 64.48
N ALA B 219 -18.71 -7.13 63.89
CA ALA B 219 -19.15 -5.77 64.15
C ALA B 219 -20.40 -5.49 63.34
N LYS B 220 -21.53 -5.31 64.04
CA LYS B 220 -22.84 -5.08 63.43
C LYS B 220 -23.19 -6.22 62.49
N PRO B 221 -23.63 -7.37 63.01
CA PRO B 221 -23.95 -8.51 62.13
C PRO B 221 -25.15 -8.29 61.23
N SER B 222 -25.91 -7.20 61.42
CA SER B 222 -27.09 -6.95 60.60
C SER B 222 -26.73 -6.41 59.22
N VAL B 223 -25.49 -5.95 59.01
CA VAL B 223 -25.09 -5.40 57.73
C VAL B 223 -25.13 -6.51 56.67
N PHE B 224 -25.77 -6.22 55.54
CA PHE B 224 -25.78 -7.16 54.43
C PHE B 224 -24.51 -7.01 53.60
N ARG B 225 -23.93 -8.15 53.24
CA ARG B 225 -22.63 -8.18 52.56
C ARG B 225 -22.85 -8.67 51.14
N LEU B 226 -22.67 -7.77 50.17
CA LEU B 226 -22.97 -8.04 48.77
C LEU B 226 -21.66 -8.03 47.97
N GLY B 227 -21.33 -9.15 47.35
CA GLY B 227 -20.17 -9.26 46.50
C GLY B 227 -20.56 -9.19 45.03
N VAL B 228 -19.65 -8.65 44.22
CA VAL B 228 -19.88 -8.47 42.79
C VAL B 228 -18.77 -9.18 42.02
N CYS B 229 -19.16 -9.97 41.03
CA CYS B 229 -18.23 -10.69 40.16
C CYS B 229 -18.47 -10.30 38.71
N THR B 230 -17.46 -10.53 37.88
CA THR B 230 -17.58 -10.24 36.46
C THR B 230 -18.41 -11.33 35.79
N ALA B 231 -19.29 -10.90 34.87
CA ALA B 231 -20.12 -11.85 34.14
C ALA B 231 -19.26 -12.82 33.35
N ALA B 232 -19.79 -14.03 33.15
CA ALA B 232 -19.06 -15.06 32.42
C ALA B 232 -18.77 -14.59 31.00
N GLY B 233 -17.51 -14.75 30.58
CA GLY B 233 -17.08 -14.34 29.26
C GLY B 233 -16.67 -12.88 29.14
N ASP B 234 -17.05 -12.04 30.10
CA ASP B 234 -16.69 -10.64 30.07
C ASP B 234 -15.39 -10.41 30.85
N ARG B 235 -14.94 -9.17 30.89
CA ARG B 235 -13.71 -8.84 31.61
C ARG B 235 -13.76 -7.40 32.10
N VAL B 236 -13.47 -7.21 33.38
CA VAL B 236 -13.38 -5.88 33.98
C VAL B 236 -12.04 -5.78 34.71
N PRO B 237 -11.27 -4.71 34.53
CA PRO B 237 -9.98 -4.61 35.22
C PRO B 237 -10.13 -4.53 36.73
N GLY B 238 -9.63 -5.56 37.43
CA GLY B 238 -9.72 -5.61 38.87
C GLY B 238 -10.39 -6.87 39.37
N PRO B 239 -11.71 -6.93 39.23
CA PRO B 239 -12.46 -8.12 39.69
C PRO B 239 -12.26 -9.31 38.77
N ARG B 240 -12.78 -10.45 39.22
CA ARG B 240 -12.73 -11.69 38.47
C ARG B 240 -14.13 -12.31 38.43
N SER B 241 -14.28 -13.37 37.63
CA SER B 241 -15.55 -14.04 37.50
C SER B 241 -15.80 -14.98 38.68
N LEU B 242 -17.03 -15.44 38.79
CA LEU B 242 -17.38 -16.39 39.85
C LEU B 242 -16.62 -17.70 39.68
N ALA B 243 -16.34 -18.08 38.44
CA ALA B 243 -15.60 -19.33 38.19
C ALA B 243 -14.17 -19.24 38.72
N LEU B 244 -13.54 -18.08 38.57
CA LEU B 244 -12.18 -17.90 39.04
C LEU B 244 -12.08 -17.72 40.55
N LEU B 245 -13.20 -17.53 41.24
CA LEU B 245 -13.20 -17.40 42.69
C LEU B 245 -13.45 -18.73 43.40
N SER B 246 -13.74 -19.80 42.66
CA SER B 246 -13.95 -21.10 43.30
C SER B 246 -12.69 -21.63 43.97
N PRO B 247 -11.51 -21.64 43.34
CA PRO B 247 -10.34 -22.26 43.97
C PRO B 247 -9.67 -21.43 45.06
N VAL B 248 -10.02 -20.15 45.22
CA VAL B 248 -9.30 -19.31 46.17
C VAL B 248 -9.63 -19.74 47.59
N GLU B 249 -8.63 -19.71 48.45
CA GLU B 249 -8.73 -20.26 49.80
C GLU B 249 -9.12 -19.22 50.85
N PHE B 250 -9.31 -17.97 50.44
CA PHE B 250 -9.81 -16.97 51.37
C PHE B 250 -11.24 -17.33 51.81
N PRO B 251 -11.64 -16.95 53.02
CA PRO B 251 -13.00 -17.23 53.51
C PRO B 251 -14.05 -16.27 52.96
N TRP B 252 -14.08 -16.10 51.64
CA TRP B 252 -15.03 -15.19 51.02
C TRP B 252 -16.45 -15.75 51.07
N ARG B 253 -16.60 -17.08 51.05
CA ARG B 253 -17.92 -17.69 51.12
C ARG B 253 -18.59 -17.43 52.47
N ASP B 254 -17.82 -17.13 53.50
CA ASP B 254 -18.35 -16.74 54.80
C ASP B 254 -18.43 -15.22 54.96
N SER B 255 -17.93 -14.47 53.98
CA SER B 255 -17.91 -13.02 54.05
C SER B 255 -18.97 -12.34 53.21
N VAL B 256 -19.71 -13.09 52.40
CA VAL B 256 -20.73 -12.53 51.53
C VAL B 256 -22.07 -13.14 51.87
N ASP B 257 -23.14 -12.36 51.66
CA ASP B 257 -24.50 -12.83 51.81
C ASP B 257 -25.22 -12.98 50.48
N ALA B 258 -24.70 -12.41 49.41
CA ALA B 258 -25.27 -12.56 48.07
C ALA B 258 -24.21 -12.19 47.05
N ILE B 259 -24.39 -12.69 45.82
CA ILE B 259 -23.44 -12.49 44.74
C ILE B 259 -24.17 -11.86 43.56
N GLU B 260 -23.56 -10.85 42.96
CA GLU B 260 -24.06 -10.23 41.74
C GLU B 260 -23.02 -10.31 40.64
N GLU B 261 -23.48 -10.44 39.40
CA GLU B 261 -22.60 -10.52 38.24
C GLU B 261 -22.89 -9.34 37.33
N VAL B 262 -21.84 -8.57 37.00
CA VAL B 262 -21.96 -7.35 36.24
C VAL B 262 -21.01 -7.41 35.05
N GLY B 263 -21.48 -6.92 33.89
CA GLY B 263 -20.65 -6.88 32.69
C GLY B 263 -19.78 -5.65 32.63
N SER B 264 -18.99 -5.57 31.55
CA SER B 264 -18.03 -4.49 31.41
C SER B 264 -18.67 -3.20 30.89
N LYS B 265 -19.68 -3.31 30.03
CA LYS B 265 -20.30 -2.11 29.47
C LYS B 265 -20.96 -1.27 30.56
N ASP B 266 -21.71 -1.92 31.45
CA ASP B 266 -22.31 -1.19 32.57
C ASP B 266 -21.25 -0.63 33.50
N ALA B 267 -20.15 -1.36 33.68
CA ALA B 267 -19.09 -0.90 34.57
C ALA B 267 -18.49 0.41 34.09
N PHE B 268 -18.09 0.46 32.82
CA PHE B 268 -17.53 1.70 32.27
C PHE B 268 -18.56 2.81 32.19
N THR B 269 -19.83 2.47 31.97
CA THR B 269 -20.88 3.48 31.90
C THR B 269 -21.07 4.16 33.24
N LEU B 270 -21.18 3.38 34.31
CA LEU B 270 -21.38 3.95 35.64
C LEU B 270 -20.12 4.66 36.13
N SER B 271 -18.94 4.14 35.80
CA SER B 271 -17.71 4.82 36.15
C SER B 271 -17.65 6.21 35.49
N LEU B 272 -18.10 6.30 34.24
CA LEU B 272 -18.14 7.60 33.57
C LEU B 272 -19.13 8.54 34.24
N LYS B 273 -20.31 8.01 34.64
CA LYS B 273 -21.29 8.84 35.33
C LYS B 273 -20.78 9.31 36.69
N LEU B 274 -19.95 8.50 37.34
CA LEU B 274 -19.42 8.88 38.65
C LEU B 274 -18.38 9.98 38.54
N CYS B 275 -17.52 9.91 37.51
CA CYS B 275 -16.44 10.88 37.37
C CYS B 275 -16.99 12.27 37.08
N ARG B 276 -18.02 12.36 36.23
CA ARG B 276 -18.60 13.66 35.89
C ARG B 276 -19.40 14.26 37.04
N GLU B 277 -19.84 13.43 37.99
CA GLU B 277 -20.49 13.95 39.20
C GLU B 277 -19.50 14.53 40.18
N GLY B 278 -18.23 14.14 40.09
CA GLY B 278 -17.20 14.59 41.02
C GLY B 278 -16.50 13.48 41.77
N LEU B 279 -16.97 12.23 41.66
CA LEU B 279 -16.34 11.09 42.32
C LEU B 279 -15.48 10.38 41.28
N ILE B 280 -14.24 10.84 41.15
CA ILE B 280 -13.33 10.36 40.12
C ILE B 280 -12.85 8.96 40.50
N CYS B 281 -13.34 7.94 39.81
CA CYS B 281 -12.98 6.56 40.10
C CYS B 281 -12.99 5.75 38.82
N GLY B 282 -12.37 4.58 38.87
CA GLY B 282 -12.13 3.77 37.70
C GLY B 282 -13.29 2.86 37.32
N PRO B 283 -13.08 2.02 36.31
CA PRO B 283 -14.18 1.16 35.80
C PRO B 283 -14.74 0.21 36.84
N SER B 284 -13.89 -0.34 37.71
CA SER B 284 -14.38 -1.29 38.71
C SER B 284 -15.25 -0.63 39.76
N SER B 285 -15.16 0.69 39.91
CA SER B 285 -16.03 1.39 40.85
C SER B 285 -17.46 1.44 40.33
N GLY B 286 -17.64 1.77 39.05
CA GLY B 286 -18.94 1.63 38.43
C GLY B 286 -19.38 0.18 38.37
N PHE B 287 -18.41 -0.74 38.30
CA PHE B 287 -18.72 -2.17 38.37
C PHE B 287 -19.34 -2.52 39.72
N ASN B 288 -18.75 -2.02 40.80
CA ASN B 288 -19.28 -2.29 42.13
C ASN B 288 -20.64 -1.62 42.33
N LEU B 289 -20.78 -0.38 41.86
CA LEU B 289 -22.05 0.33 42.01
C LEU B 289 -23.17 -0.36 41.23
N GLN B 290 -22.87 -0.84 40.03
CA GLN B 290 -23.88 -1.55 39.24
C GLN B 290 -24.34 -2.82 39.93
N GLY B 291 -23.40 -3.53 40.59
CA GLY B 291 -23.78 -4.69 41.37
C GLY B 291 -24.74 -4.33 42.49
N LEU B 292 -24.51 -3.21 43.16
CA LEU B 292 -25.43 -2.75 44.18
C LEU B 292 -26.79 -2.39 43.58
N PHE B 293 -26.78 -1.76 42.40
CA PHE B 293 -28.05 -1.45 41.73
C PHE B 293 -28.82 -2.72 41.38
N ASN B 294 -28.11 -3.76 40.92
CA ASN B 294 -28.78 -4.98 40.51
C ASN B 294 -29.42 -5.69 41.70
N TYR B 295 -28.77 -5.64 42.87
CA TYR B 295 -29.36 -6.29 44.04
C TYR B 295 -30.48 -5.47 44.64
N LEU B 296 -30.33 -4.14 44.69
CA LEU B 296 -31.40 -3.29 45.22
C LEU B 296 -32.65 -3.40 44.37
N GLY B 297 -32.50 -3.45 43.05
CA GLY B 297 -33.63 -3.65 42.17
C GLY B 297 -34.27 -5.01 42.29
N ARG B 298 -33.50 -6.01 42.72
CA ARG B 298 -34.06 -7.35 42.89
C ARG B 298 -34.95 -7.42 44.12
N LEU B 299 -34.60 -6.67 45.17
CA LEU B 299 -35.45 -6.60 46.36
C LEU B 299 -36.67 -5.71 46.13
N LYS B 300 -36.49 -4.62 45.37
CA LYS B 300 -37.61 -3.75 45.05
C LYS B 300 -38.62 -4.45 44.16
N ALA B 301 -38.14 -5.25 43.21
CA ALA B 301 -39.04 -6.04 42.38
C ALA B 301 -39.75 -7.10 43.19
N ALA B 302 -39.06 -7.67 44.18
CA ALA B 302 -39.66 -8.65 45.09
C ALA B 302 -40.37 -8.00 46.26
N GLY B 303 -40.24 -6.67 46.43
CA GLY B 303 -40.92 -5.97 47.49
C GLY B 303 -40.31 -6.13 48.87
N THR B 304 -39.08 -6.64 48.96
CA THR B 304 -38.42 -6.86 50.25
C THR B 304 -37.30 -5.86 50.52
N LEU B 305 -37.33 -4.72 49.83
CA LEU B 305 -36.27 -3.73 50.01
C LEU B 305 -36.31 -3.11 51.41
N SER B 306 -37.51 -2.90 51.95
CA SER B 306 -37.66 -2.28 53.26
C SER B 306 -37.11 -3.15 54.40
N SER B 307 -36.74 -4.39 54.12
CA SER B 307 -36.18 -5.25 55.15
C SER B 307 -34.77 -4.83 55.56
N LEU B 308 -34.06 -4.10 54.69
CA LEU B 308 -32.73 -3.61 55.01
C LEU B 308 -32.72 -2.28 55.74
N ALA B 309 -33.89 -1.64 55.89
CA ALA B 309 -33.95 -0.33 56.51
C ALA B 309 -33.72 -0.41 58.01
N GLY B 310 -33.15 0.66 58.56
CA GLY B 310 -32.95 0.77 59.99
C GLY B 310 -34.17 1.37 60.67
N PRO B 311 -33.99 1.86 61.90
CA PRO B 311 -35.12 2.48 62.61
C PRO B 311 -35.72 3.65 61.84
N TYR B 312 -34.88 4.55 61.35
CA TYR B 312 -35.29 5.52 60.36
C TYR B 312 -35.30 4.85 58.99
N GLY B 313 -36.28 5.21 58.16
CA GLY B 313 -36.55 4.49 56.93
C GLY B 313 -35.44 4.42 55.90
N ILE B 314 -34.29 5.03 56.17
CA ILE B 314 -33.21 5.11 55.19
C ILE B 314 -32.34 3.85 55.25
N ILE B 315 -31.83 3.46 54.09
CA ILE B 315 -30.95 2.31 53.94
C ILE B 315 -29.59 2.82 53.54
N ASP B 316 -28.62 2.75 54.46
CA ASP B 316 -27.28 3.27 54.22
C ASP B 316 -26.42 2.17 53.61
N CYS B 317 -26.02 2.33 52.35
CA CYS B 317 -25.17 1.40 51.66
C CYS B 317 -23.81 2.04 51.38
N ALA B 318 -22.74 1.27 51.55
CA ALA B 318 -21.39 1.71 51.25
C ALA B 318 -20.78 0.76 50.23
N PHE B 319 -20.19 1.33 49.18
CA PHE B 319 -19.51 0.55 48.16
C PHE B 319 -18.11 1.10 47.94
N ILE B 320 -17.21 0.23 47.48
CA ILE B 320 -15.80 0.56 47.34
C ILE B 320 -15.54 1.15 45.96
N CYS B 321 -14.78 2.24 45.93
CA CYS B 321 -14.21 2.79 44.70
C CYS B 321 -12.72 2.52 44.73
N CYS B 322 -12.23 1.77 43.74
CA CYS B 322 -10.95 1.09 43.86
C CYS B 322 -9.76 1.92 43.35
N ASP B 323 -9.91 2.62 42.23
CA ASP B 323 -8.80 3.36 41.66
C ASP B 323 -9.34 4.45 40.74
N LEU B 324 -8.42 5.20 40.12
CA LEU B 324 -8.66 6.30 39.21
C LEU B 324 -8.86 5.79 37.79
N PRO B 325 -9.64 6.48 36.97
CA PRO B 325 -9.92 6.02 35.60
C PRO B 325 -8.91 6.47 34.56
N TYR B 326 -7.91 7.26 34.93
CA TYR B 326 -6.98 7.83 33.95
C TYR B 326 -6.28 6.77 33.10
N PRO B 327 -5.73 5.68 33.65
CA PRO B 327 -5.07 4.69 32.79
C PRO B 327 -6.02 3.94 31.86
N TYR B 328 -7.33 4.04 32.08
CA TYR B 328 -8.30 3.30 31.28
C TYR B 328 -9.07 4.19 30.30
N VAL B 329 -8.67 5.46 30.16
CA VAL B 329 -9.51 6.43 29.46
C VAL B 329 -9.76 6.02 28.03
N ASP B 330 -8.78 5.40 27.38
CA ASP B 330 -8.96 4.95 26.00
C ASP B 330 -9.98 3.82 25.92
N GLU B 331 -10.01 2.95 26.93
CA GLU B 331 -10.95 1.83 26.91
C GLU B 331 -12.39 2.29 26.99
N TYR B 332 -12.64 3.47 27.57
CA TYR B 332 -13.99 4.02 27.61
C TYR B 332 -14.52 4.29 26.21
N PHE B 333 -13.67 4.89 25.35
CA PHE B 333 -14.10 5.18 23.99
C PHE B 333 -14.32 3.91 23.17
N ASP B 334 -13.60 2.83 23.49
CA ASP B 334 -13.81 1.57 22.79
C ASP B 334 -15.07 0.87 23.26
N LYS B 335 -15.29 0.83 24.58
CA LYS B 335 -16.44 0.12 25.13
C LYS B 335 -17.73 0.91 24.94
N LEU B 336 -17.69 2.22 25.19
CA LEU B 336 -18.86 3.06 25.03
C LEU B 336 -18.88 3.70 23.64
N GLY B 337 -20.09 4.00 23.16
CA GLY B 337 -20.24 4.61 21.87
C GLY B 337 -19.74 6.05 21.85
N ASP B 338 -19.79 6.65 20.66
CA ASP B 338 -19.41 8.05 20.52
C ASP B 338 -20.41 8.98 21.20
N ASN B 339 -21.63 8.52 21.44
CA ASN B 339 -22.53 9.24 22.32
C ASN B 339 -21.97 9.24 23.74
N ALA B 340 -22.49 10.16 24.56
CA ALA B 340 -21.95 10.50 25.87
C ALA B 340 -20.54 11.06 25.80
N PHE B 341 -20.02 11.29 24.60
CA PHE B 341 -18.78 12.01 24.37
C PHE B 341 -19.04 13.09 23.36
N HIS B 342 -18.84 14.35 23.75
CA HIS B 342 -18.96 15.44 22.80
C HIS B 342 -17.82 15.35 21.79
N PRO B 343 -18.11 15.30 20.49
CA PRO B 343 -17.02 15.27 19.50
C PRO B 343 -16.23 16.55 19.51
N ILE B 344 -14.97 16.44 19.11
CA ILE B 344 -14.05 17.58 19.14
C ILE B 344 -14.35 18.49 17.95
N ARG B 345 -14.65 19.75 18.25
CA ARG B 345 -14.89 20.73 17.19
C ARG B 345 -13.56 21.17 16.58
N ASN B 346 -13.59 21.42 15.28
CA ASN B 346 -12.38 21.71 14.50
C ASN B 346 -11.35 20.59 14.69
N GLN B 347 -11.83 19.36 14.59
CA GLN B 347 -10.97 18.19 14.80
C GLN B 347 -9.81 18.16 13.81
N ASN B 348 -10.06 18.61 12.57
CA ASN B 348 -9.03 18.57 11.53
C ASN B 348 -7.76 19.32 11.92
N LEU B 349 -7.86 20.27 12.86
CA LEU B 349 -6.68 21.02 13.27
C LEU B 349 -5.69 20.18 14.07
N ALA B 350 -6.12 19.02 14.56
CA ALA B 350 -5.25 18.19 15.37
C ALA B 350 -4.06 17.61 14.61
N ALA B 351 -4.04 17.72 13.28
CA ALA B 351 -2.94 17.17 12.50
C ALA B 351 -2.50 18.08 11.36
N VAL B 352 -2.69 19.39 11.46
CA VAL B 352 -2.44 20.27 10.33
C VAL B 352 -1.95 21.65 10.80
N ASP B 353 -1.53 21.75 12.06
CA ASP B 353 -0.89 22.96 12.56
C ASP B 353 -0.01 22.58 13.76
N LEU B 354 0.97 21.72 13.51
CA LEU B 354 1.64 20.99 14.57
C LEU B 354 2.77 21.76 15.25
N TYR B 355 3.21 22.88 14.70
CA TYR B 355 4.41 23.55 15.17
C TYR B 355 4.08 24.79 15.98
N ARG B 356 5.04 25.22 16.78
CA ARG B 356 4.82 26.26 17.78
C ARG B 356 4.79 27.64 17.13
N TYR B 357 4.20 28.58 17.86
CA TYR B 357 4.18 30.00 17.50
C TYR B 357 4.77 30.80 18.66
N ASP B 358 5.67 31.72 18.34
CA ASP B 358 6.27 32.59 19.33
C ASP B 358 5.86 34.03 19.05
N GLU B 359 5.37 34.71 20.08
CA GLU B 359 4.93 36.10 19.92
C GLU B 359 6.09 37.02 19.54
N ALA B 360 7.32 36.62 19.83
CA ALA B 360 8.48 37.42 19.40
C ALA B 360 8.69 37.37 17.89
N TRP B 361 8.10 36.38 17.21
CA TRP B 361 8.22 36.31 15.75
C TRP B 361 7.34 37.34 15.06
N GLU B 362 6.25 37.74 15.69
CA GLU B 362 5.33 38.72 15.12
C GLU B 362 5.76 40.13 15.54
N LEU B 363 6.06 40.97 14.57
CA LEU B 363 6.61 42.29 14.81
C LEU B 363 5.71 43.37 14.25
N GLU B 364 5.75 44.54 14.86
CA GLU B 364 5.07 45.71 14.31
C GLU B 364 5.74 46.14 13.02
N PRO B 365 5.01 46.80 12.12
CA PRO B 365 5.62 47.22 10.85
C PRO B 365 6.85 48.09 11.03
N SER B 366 6.88 48.94 12.06
CA SER B 366 8.07 49.77 12.30
C SER B 366 9.27 48.92 12.70
N SER B 367 9.04 47.85 13.46
CA SER B 367 10.14 47.01 13.91
C SER B 367 10.66 46.10 12.80
N ALA B 368 9.79 45.65 11.89
CA ALA B 368 10.21 44.73 10.85
C ALA B 368 11.00 45.44 9.75
N LEU B 369 10.47 46.55 9.25
CA LEU B 369 11.12 47.28 8.17
C LEU B 369 12.40 47.99 8.61
N SER B 370 12.66 48.02 9.92
CA SER B 370 13.85 48.68 10.44
C SER B 370 15.10 47.84 10.20
N HIS B 371 14.98 46.54 10.41
CA HIS B 371 16.10 45.63 10.21
C HIS B 371 16.56 45.61 8.76
N PHE B 372 15.59 45.64 7.84
CA PHE B 372 15.89 45.64 6.41
C PHE B 372 16.82 46.79 6.04
N ALA B 381 19.22 39.80 5.16
CA ALA B 381 17.80 39.94 5.47
C ALA B 381 16.97 40.10 4.20
N VAL B 382 15.90 39.31 4.10
CA VAL B 382 15.02 39.35 2.94
C VAL B 382 13.58 39.51 3.44
N LEU B 383 12.73 40.03 2.55
CA LEU B 383 11.33 40.26 2.84
C LEU B 383 10.48 39.45 1.86
N LEU B 384 9.62 38.59 2.38
CA LEU B 384 8.76 37.73 1.57
C LEU B 384 7.33 38.26 1.61
N ASP B 385 6.71 38.32 0.43
CA ASP B 385 5.33 38.77 0.29
C ASP B 385 4.49 37.61 -0.23
N LEU B 386 3.46 37.23 0.52
CA LEU B 386 2.65 36.07 0.19
C LEU B 386 1.35 36.43 -0.53
N ARG B 387 1.21 37.67 -0.99
CA ARG B 387 -0.02 38.08 -1.65
C ARG B 387 -0.04 37.60 -3.11
N LYS B 388 -1.21 37.70 -3.73
CA LYS B 388 -1.38 37.26 -5.10
C LYS B 388 -0.47 38.07 -6.02
N PRO B 389 -0.03 37.47 -7.14
CA PRO B 389 0.94 38.17 -8.00
C PRO B 389 0.40 39.46 -8.61
N GLU B 390 -0.90 39.53 -8.91
CA GLU B 390 -1.47 40.77 -9.43
C GLU B 390 -1.63 41.81 -8.33
N ASP B 391 -1.96 41.37 -7.10
CA ASP B 391 -1.93 42.28 -5.97
C ASP B 391 -0.51 42.74 -5.66
N PHE B 392 0.47 41.87 -5.88
CA PHE B 392 1.87 42.25 -5.67
C PHE B 392 2.33 43.27 -6.70
N ILE B 393 1.91 43.11 -7.95
CA ILE B 393 2.30 44.04 -9.00
C ILE B 393 1.72 45.43 -8.73
N MET B 394 0.45 45.48 -8.31
CA MET B 394 -0.20 46.77 -8.10
C MET B 394 0.53 47.59 -7.04
N SER B 395 0.92 46.97 -5.93
CA SER B 395 1.60 47.67 -4.85
C SER B 395 2.25 46.65 -3.91
N HIS B 396 3.54 46.86 -3.63
CA HIS B 396 4.27 46.01 -2.70
C HIS B 396 5.45 46.79 -2.16
N ILE B 397 6.03 46.29 -1.08
CA ILE B 397 7.20 46.92 -0.48
C ILE B 397 8.40 46.74 -1.40
N PRO B 398 9.11 47.81 -1.78
CA PRO B 398 10.23 47.67 -2.70
C PRO B 398 11.37 46.86 -2.09
N GLY B 399 11.90 45.93 -2.88
CA GLY B 399 12.96 45.04 -2.45
C GLY B 399 12.48 43.69 -1.95
N SER B 400 11.18 43.44 -1.96
CA SER B 400 10.61 42.20 -1.43
C SER B 400 10.36 41.20 -2.55
N TYR B 401 10.47 39.92 -2.20
CA TYR B 401 10.17 38.85 -3.14
C TYR B 401 8.71 38.44 -2.98
N ASN B 402 8.07 38.09 -4.09
CA ASN B 402 6.69 37.65 -4.09
C ASN B 402 6.63 36.13 -4.13
N LEU B 403 5.82 35.56 -3.23
CA LEU B 403 5.64 34.11 -3.17
C LEU B 403 4.15 33.85 -2.94
N PRO B 404 3.36 33.79 -4.01
CA PRO B 404 1.91 33.69 -3.86
C PRO B 404 1.48 32.31 -3.38
N LEU B 405 0.21 32.24 -2.98
CA LEU B 405 -0.42 31.01 -2.50
C LEU B 405 -1.82 30.94 -3.07
N GLN B 406 -2.24 29.72 -3.46
CA GLN B 406 -3.59 29.55 -3.98
C GLN B 406 -4.62 29.70 -2.87
N SER B 407 -4.31 29.21 -1.67
CA SER B 407 -5.27 29.25 -0.56
C SER B 407 -5.42 30.63 0.05
N SER B 408 -4.69 31.64 -0.42
CA SER B 408 -4.73 32.98 0.17
C SER B 408 -4.92 34.01 -0.93
N ASN B 409 -6.07 34.69 -0.91
CA ASN B 409 -6.28 35.87 -1.74
C ASN B 409 -6.83 37.00 -0.88
N ALA B 410 -7.26 38.09 -1.51
CA ALA B 410 -7.72 39.25 -0.75
C ALA B 410 -9.01 38.97 0.00
N SER B 411 -9.89 38.15 -0.58
CA SER B 411 -11.19 37.85 0.03
C SER B 411 -11.16 36.62 0.93
N THR B 412 -10.01 35.96 1.06
CA THR B 412 -9.94 34.74 1.85
C THR B 412 -10.11 35.08 3.34
N PRO B 413 -10.95 34.34 4.07
CA PRO B 413 -11.09 34.58 5.50
C PRO B 413 -9.80 34.27 6.24
N SER B 414 -9.72 34.76 7.47
CA SER B 414 -8.52 34.56 8.28
C SER B 414 -8.34 33.08 8.59
N PRO B 415 -7.10 32.59 8.64
CA PRO B 415 -6.88 31.17 8.99
C PRO B 415 -7.41 30.81 10.37
N PHE B 416 -7.26 31.71 11.34
CA PHE B 416 -7.66 31.43 12.71
C PHE B 416 -9.15 31.63 12.94
N THR B 417 -9.89 32.07 11.93
CA THR B 417 -11.34 32.18 12.03
C THR B 417 -12.07 31.08 11.29
N ASP B 418 -11.41 30.38 10.37
CA ASP B 418 -12.01 29.30 9.59
C ASP B 418 -11.06 28.10 9.65
N ALA B 419 -11.57 26.97 10.13
CA ALA B 419 -10.71 25.80 10.33
C ALA B 419 -10.18 25.24 9.02
N MET B 420 -10.97 25.31 7.94
CA MET B 420 -10.57 24.67 6.69
C MET B 420 -9.46 25.45 6.00
N VAL B 421 -9.54 26.79 5.99
CA VAL B 421 -8.51 27.56 5.32
C VAL B 421 -7.20 27.52 6.10
N LEU B 422 -7.27 27.30 7.42
CA LEU B 422 -6.05 27.03 8.18
C LEU B 422 -5.46 25.70 7.77
N GLU B 423 -6.31 24.71 7.49
CA GLU B 423 -5.83 23.43 6.99
C GLU B 423 -5.24 23.57 5.60
N LYS B 424 -5.83 24.41 4.75
CA LYS B 424 -5.33 24.60 3.40
C LYS B 424 -4.04 25.41 3.37
N GLN B 425 -4.00 26.52 4.10
CA GLN B 425 -2.84 27.42 4.03
C GLN B 425 -1.61 26.78 4.64
N TRP B 426 -1.76 26.14 5.80
CA TRP B 426 -0.61 25.50 6.44
C TRP B 426 -0.04 24.38 5.58
N LYS B 427 -0.92 23.60 4.94
CA LYS B 427 -0.47 22.56 4.04
C LYS B 427 0.27 23.14 2.85
N GLU B 428 -0.33 24.14 2.20
CA GLU B 428 0.32 24.75 1.04
C GLU B 428 1.63 25.42 1.43
N LEU B 429 1.67 26.07 2.60
CA LEU B 429 2.92 26.64 3.09
C LEU B 429 3.96 25.54 3.33
N GLU B 430 3.55 24.43 3.93
CA GLU B 430 4.47 23.32 4.15
C GLU B 430 4.94 22.72 2.82
N ALA B 431 4.04 22.61 1.85
CA ALA B 431 4.40 22.08 0.54
C ALA B 431 5.18 23.08 -0.28
N THR B 432 5.01 24.38 -0.03
CA THR B 432 5.72 25.38 -0.79
C THR B 432 7.18 25.48 -0.37
N PHE B 433 7.44 25.54 0.94
CA PHE B 433 8.79 25.74 1.46
C PHE B 433 9.53 24.39 1.52
N THR B 434 9.79 23.85 0.35
CA THR B 434 10.65 22.69 0.23
C THR B 434 12.11 23.12 0.31
N LEU B 435 13.01 22.12 0.32
CA LEU B 435 14.44 22.44 0.42
C LEU B 435 14.93 23.18 -0.83
N ASP B 436 14.40 22.82 -2.00
CA ASP B 436 14.83 23.49 -3.23
C ASP B 436 14.33 24.92 -3.29
N ARG B 437 13.08 25.16 -2.90
CA ARG B 437 12.52 26.50 -2.97
C ARG B 437 13.18 27.43 -1.96
N ILE B 438 13.50 26.92 -0.78
CA ILE B 438 14.20 27.73 0.23
C ILE B 438 15.53 28.22 -0.32
N ASN B 439 16.30 27.31 -0.92
CA ASN B 439 17.56 27.71 -1.53
C ASN B 439 17.36 28.52 -2.81
N ALA B 440 16.21 28.36 -3.48
CA ALA B 440 15.94 29.17 -4.66
C ALA B 440 15.83 30.65 -4.31
N HIS B 441 15.33 30.95 -3.11
CA HIS B 441 15.26 32.33 -2.62
C HIS B 441 16.39 32.65 -1.65
N ASP B 442 17.31 31.71 -1.41
CA ASP B 442 18.46 31.91 -0.53
C ASP B 442 18.01 32.38 0.86
N LEU B 443 17.05 31.66 1.42
CA LEU B 443 16.53 32.00 2.74
C LEU B 443 17.41 31.51 3.88
N SER B 444 18.34 30.60 3.60
CA SER B 444 19.14 29.98 4.64
C SER B 444 20.19 30.95 5.15
N GLY B 445 20.25 31.14 6.47
CA GLY B 445 21.29 31.92 7.10
C GLY B 445 21.03 33.41 7.20
N LYS B 446 19.80 33.86 6.95
CA LYS B 446 19.48 35.27 7.04
C LYS B 446 18.08 35.44 7.61
N ASP B 447 17.82 36.65 8.11
CA ASP B 447 16.54 36.97 8.74
C ASP B 447 15.47 37.15 7.66
N VAL B 448 14.44 36.32 7.70
CA VAL B 448 13.36 36.36 6.71
C VAL B 448 12.14 37.02 7.34
N TYR B 449 11.54 37.95 6.61
CA TYR B 449 10.34 38.65 7.05
C TYR B 449 9.21 38.34 6.09
N ILE B 450 8.06 37.95 6.64
CA ILE B 450 6.92 37.50 5.85
C ILE B 450 5.87 38.60 5.83
N LEU B 451 5.25 38.82 4.67
CA LEU B 451 4.24 39.84 4.49
C LEU B 451 2.96 39.22 3.96
N CYS B 452 1.82 39.69 4.46
CA CYS B 452 0.53 39.13 4.13
C CYS B 452 -0.45 40.28 3.89
N TYR B 453 -1.73 39.95 3.73
CA TYR B 453 -2.74 41.00 3.68
C TYR B 453 -3.04 41.54 5.07
N ASN B 454 -3.36 40.65 6.02
CA ASN B 454 -3.65 41.03 7.39
C ASN B 454 -2.62 40.52 8.39
N GLY B 455 -1.65 39.72 7.95
CA GLY B 455 -0.63 39.18 8.82
C GLY B 455 -0.91 37.80 9.36
N ASP B 456 -2.14 37.29 9.20
CA ASP B 456 -2.47 35.99 9.76
C ASP B 456 -1.81 34.85 8.98
N THR B 457 -1.92 34.88 7.65
CA THR B 457 -1.22 33.90 6.83
C THR B 457 0.29 33.98 7.05
N ALA B 458 0.80 35.20 7.24
CA ALA B 458 2.22 35.38 7.48
C ALA B 458 2.66 34.71 8.79
N ARG B 459 1.83 34.79 9.82
CA ARG B 459 2.19 34.17 11.09
C ARG B 459 2.13 32.65 11.01
N VAL B 460 1.21 32.11 10.20
CA VAL B 460 1.24 30.67 9.95
C VAL B 460 2.50 30.29 9.19
N ALA B 461 2.97 31.16 8.30
CA ALA B 461 4.17 30.88 7.53
C ALA B 461 5.42 30.90 8.42
N THR B 462 5.43 31.76 9.44
CA THR B 462 6.60 31.82 10.30
C THR B 462 6.69 30.60 11.21
N SER B 463 5.55 29.96 11.51
CA SER B 463 5.56 28.71 12.25
C SER B 463 6.02 27.54 11.39
N VAL B 464 5.91 27.65 10.08
CA VAL B 464 6.41 26.60 9.19
C VAL B 464 7.91 26.73 8.99
N LEU B 465 8.41 27.96 8.85
CA LEU B 465 9.82 28.18 8.56
C LEU B 465 10.69 28.00 9.79
N ARG B 466 10.25 28.48 10.95
CA ARG B 466 11.04 28.31 12.17
C ARG B 466 11.26 26.83 12.48
N ALA B 467 10.24 26.01 12.26
CA ALA B 467 10.41 24.56 12.44
C ALA B 467 11.33 23.95 11.41
N LYS B 468 11.61 24.64 10.31
CA LYS B 468 12.56 24.19 9.30
C LYS B 468 13.94 24.82 9.47
N GLY B 469 14.15 25.61 10.52
CA GLY B 469 15.43 26.20 10.79
C GLY B 469 15.62 27.61 10.27
N ILE B 470 14.63 28.17 9.58
CA ILE B 470 14.73 29.52 9.03
C ILE B 470 14.24 30.52 10.08
N SER B 471 15.05 31.55 10.32
CA SER B 471 14.71 32.59 11.30
C SER B 471 13.70 33.54 10.67
N ALA B 472 12.45 33.10 10.64
CA ALA B 472 11.38 33.85 10.00
C ALA B 472 10.65 34.74 11.01
N SER B 473 9.99 35.77 10.48
CA SER B 473 9.25 36.71 11.30
C SER B 473 8.12 37.30 10.46
N SER B 474 7.02 37.63 11.13
CA SER B 474 5.83 38.15 10.46
C SER B 474 5.55 39.57 10.89
N VAL B 475 4.84 40.30 10.03
CA VAL B 475 4.46 41.69 10.25
C VAL B 475 2.99 41.72 10.62
N LYS B 476 2.67 42.06 11.87
CA LYS B 476 1.29 42.11 12.30
C LYS B 476 0.54 43.18 11.52
N GLY B 477 -0.63 42.81 10.99
CA GLY B 477 -1.42 43.69 10.16
C GLY B 477 -1.14 43.56 8.68
N GLY B 478 -0.07 42.87 8.29
CA GLY B 478 0.26 42.66 6.90
C GLY B 478 0.50 43.96 6.16
N ILE B 479 0.22 43.93 4.86
CA ILE B 479 0.38 45.12 4.03
C ILE B 479 -0.59 46.21 4.43
N ALA B 480 -1.69 45.85 5.11
CA ALA B 480 -2.67 46.85 5.51
C ALA B 480 -2.18 47.71 6.67
N ALA B 481 -1.23 47.22 7.47
CA ALA B 481 -0.72 47.97 8.60
C ALA B 481 0.45 48.87 8.24
N VAL B 482 1.32 48.41 7.35
CA VAL B 482 2.48 49.22 6.97
C VAL B 482 2.04 50.48 6.24
N ARG B 483 0.93 50.41 5.48
CA ARG B 483 0.45 51.58 4.76
C ARG B 483 -0.11 52.63 5.70
N LYS B 484 -0.73 52.23 6.81
CA LYS B 484 -1.27 53.19 7.76
C LYS B 484 -0.25 53.59 8.83
N ASP B 485 0.58 52.65 9.29
CA ASP B 485 1.58 52.98 10.30
C ASP B 485 2.75 53.74 9.70
N LEU B 486 3.14 53.41 8.48
CA LEU B 486 4.25 54.06 7.77
C LEU B 486 3.72 54.59 6.44
N PRO B 487 2.98 55.70 6.46
CA PRO B 487 2.46 56.23 5.19
C PRO B 487 3.53 56.82 4.29
N GLN B 488 4.65 57.26 4.86
CA GLN B 488 5.68 57.94 4.08
C GLN B 488 6.55 56.98 3.27
N MET B 489 6.52 55.69 3.55
CA MET B 489 7.31 54.75 2.76
C MET B 489 6.68 54.54 1.40
N GLN B 490 7.48 54.72 0.35
CA GLN B 490 7.00 54.60 -1.02
C GLN B 490 6.82 53.15 -1.40
N MET B 491 5.62 52.81 -1.89
CA MET B 491 5.34 51.44 -2.32
C MET B 491 5.99 51.14 -3.66
N ALA B 492 5.63 51.89 -4.70
CA ALA B 492 6.08 51.69 -6.07
C ALA B 492 5.57 50.36 -6.65
#